data_6QPW
#
_entry.id   6QPW
#
_cell.length_a   1.00
_cell.length_b   1.00
_cell.length_c   1.00
_cell.angle_alpha   90.00
_cell.angle_beta   90.00
_cell.angle_gamma   90.00
#
_symmetry.space_group_name_H-M   'P 1'
#
loop_
_entity.id
_entity.type
_entity.pdbx_description
1 polymer 'Structural maintenance of chromosomes protein,Structural maintenance of chromosomes protein'
2 polymer 'Sister chromatid cohesion protein 1'
3 polymer 'Structural maintenance of chromosomes protein 3,Structural maintenance of chromosomes protein 3'
4 polymer 'Sister chromatid cohesion protein 1,Structural maintenance of chromosomes protein'
5 non-polymer 'MAGNESIUM ION'
6 non-polymer 'PHOSPHOTHIOPHOSPHORIC ACID-ADENYLATE ESTER'
#
loop_
_entity_poly.entity_id
_entity_poly.type
_entity_poly.pdbx_seq_one_letter_code
_entity_poly.pdbx_strand_id
1 'polypeptide(L)'
;MGKLIRLELFNFKSYKGHHTLLFGDSYFTSIIGPNGSGKSNSMDAISFVLGIKSSHLRSSNLRDLIYRGRVMKTSKIQDD
GTTAPATNGDVNGYENGDAGDDEDTSQRTSRNDPKTAWVMAVYEDDAGELHRWKRTITANGTSEYRINDRVVNAQQYNEA
LEKENILIKARNFLVFQGDVEAIASQSPQDLTRLIEQISGSLEYKEEYERLEEEVRQATEEQAYKLQRRRAANSEIKQYM
EQ
;
A
2 'polypeptide(L)'
;MASKAIVQMAKILRKELSEEKEVIFTDVLKSQANTEPENITKREASRGFFDILSLATEGCIGLSQTEAFGNIKIDAKPAL
FERFI
;
B
3 'polypeptide(L)'
;MAYIKRVIIKGFKTYRNETIIDNFSPHQNVIIGSNGSGKSNFFAAIRFVLSDDYSNLKREERQGLIHQGSGGSVMSASVE
IVFHDPDHSMILPSGVLSRGDDEVTIRRTVGLKKDDYQLNDRNVTKGDIVRMLETAGFSMNNPYNIVPQGKIVALTNAKD
KERLQLLEDVVGAKSFEVKLKASLKKMEETEQKKIQINKEMGELNSKLSEMEQERKELEKYNELERNRKIYQFTLYDREL
NEVINQMERLDGDYNNTVYSSESSKHPTSLVPRGSDITSDQLLQRLNDMNTEISGLKNVNKRAFENFKKFNERRKDLAER
ASELDESKDSIQDLIVKLKQQKVNAVDSTFQKVSENFEAVFERLVPRGTAKLIIHRKNDNANDHDESIDVDMDAESNESQ
NGKDSEIMYTGVSISVSFNSKQNEQLHVEQLSGGQKTVCAIALILAIQMVDPASFYLFDEIDACLDKQYRTAVATLLKEL
SKNAQFICTTFRTDMLQVADKFFRVKYECKISTVIEVNREEAIGFIRGSNKFAEV
;
C
4 'polypeptide(L)'
;MVTENPQRLTVLRLATNKGPLAQIWLASNMSNIPRGSVIQTHIAESAKEIAKASGSDDESGDNEYITLRTSGELLQGIVR
VYSKQATFLLTDIKDTLTKISMLFKTSQKMTSTVNRLNTVTRVHQLMLEDAVTEREVLVTPGLEFLDDTTIPVGLMAQEN
PNLRAMDRLDHVRKQLEQTEQEFEASKAKLRQARESFQAVKQKRLELFNKAFTHIQEQITHVYKELTRSEAYPLGGQAYL
DIEEDTDTPFLSGVKYHAMPPCKRFRDMEHLSGGEKTMAALALLFAIHSYQPSPFFVLDEVDCALDNANVEKIKKYIREH
AGPGMQFIVISLKPALFQASESLIGVYRDQEANTSRTLTLDLRKYRHHHHHH
;
E
#
loop_
_chem_comp.id
_chem_comp.type
_chem_comp.name
_chem_comp.formula
AGS non-polymer 'PHOSPHOTHIOPHOSPHORIC ACID-ADENYLATE ESTER' 'C10 H16 N5 O12 P3 S'
MG non-polymer 'MAGNESIUM ION' 'Mg 2'
#
# COMPACT_ATOMS: atom_id res chain seq x y z
N GLY A 2 -26.61 13.12 -12.27
CA GLY A 2 -26.49 14.40 -11.59
C GLY A 2 -25.11 14.66 -11.03
N LYS A 3 -25.05 15.39 -9.94
CA LYS A 3 -23.76 15.71 -9.32
C LYS A 3 -23.98 16.00 -7.85
N LEU A 4 -22.91 15.78 -7.07
CA LEU A 4 -22.90 16.18 -5.67
C LEU A 4 -22.67 17.67 -5.55
N ILE A 5 -23.61 18.37 -4.94
CA ILE A 5 -23.42 19.80 -4.69
C ILE A 5 -22.50 20.04 -3.50
N ARG A 6 -22.75 19.41 -2.36
CA ARG A 6 -21.95 19.65 -1.17
C ARG A 6 -22.17 18.52 -0.17
N LEU A 7 -21.23 18.44 0.77
CA LEU A 7 -21.41 17.69 2.01
C LEU A 7 -21.52 18.67 3.16
N GLU A 8 -22.34 18.34 4.13
CA GLU A 8 -22.38 19.07 5.39
C GLU A 8 -22.08 18.08 6.51
N LEU A 9 -21.04 18.35 7.29
CA LEU A 9 -20.58 17.46 8.33
C LEU A 9 -20.76 18.12 9.68
N PHE A 10 -21.15 17.32 10.68
CA PHE A 10 -21.34 17.83 12.04
C PHE A 10 -20.86 16.75 13.00
N ASN A 11 -19.75 17.04 13.70
CA ASN A 11 -19.10 16.15 14.65
C ASN A 11 -18.72 14.80 14.04
N PHE A 12 -18.48 14.79 12.73
CA PHE A 12 -17.81 13.66 12.08
C PHE A 12 -16.33 13.82 12.39
N LYS A 13 -15.53 12.79 12.07
CA LYS A 13 -14.29 12.41 12.73
C LYS A 13 -13.38 13.53 13.19
N SER A 14 -12.89 14.35 12.27
CA SER A 14 -12.02 15.44 12.64
C SER A 14 -12.76 16.76 12.80
N TYR A 15 -14.00 16.82 12.35
CA TYR A 15 -14.68 18.08 12.09
C TYR A 15 -15.55 18.45 13.28
N LYS A 16 -15.04 19.33 14.14
CA LYS A 16 -15.75 19.76 15.32
C LYS A 16 -16.77 20.81 14.93
N GLY A 17 -18.05 20.49 15.08
CA GLY A 17 -19.08 21.42 14.69
C GLY A 17 -19.45 21.29 13.23
N HIS A 18 -20.07 22.35 12.71
CA HIS A 18 -20.61 22.33 11.35
C HIS A 18 -19.54 22.75 10.35
N HIS A 19 -19.27 21.88 9.38
CA HIS A 19 -18.34 22.18 8.30
C HIS A 19 -19.00 21.82 6.98
N THR A 20 -18.58 22.53 5.92
CA THR A 20 -19.24 22.43 4.62
C THR A 20 -18.19 22.19 3.54
N LEU A 21 -18.33 21.08 2.81
CA LEU A 21 -17.45 20.73 1.71
C LEU A 21 -18.21 21.01 0.41
N LEU A 22 -17.88 22.11 -0.25
CA LEU A 22 -18.64 22.60 -1.39
C LEU A 22 -18.02 22.17 -2.71
N PHE A 23 -18.82 21.56 -3.57
CA PHE A 23 -18.37 21.14 -4.89
C PHE A 23 -18.92 22.00 -6.02
N GLY A 24 -20.19 22.40 -5.94
CA GLY A 24 -20.70 23.46 -6.81
C GLY A 24 -20.86 23.03 -8.26
N ASP A 25 -20.36 23.88 -9.16
CA ASP A 25 -20.38 23.64 -10.59
C ASP A 25 -19.17 22.85 -11.06
N SER A 26 -18.20 22.61 -10.18
CA SER A 26 -16.92 22.08 -10.59
C SER A 26 -17.00 20.57 -10.75
N TYR A 27 -16.72 20.08 -11.95
CA TYR A 27 -16.75 18.66 -12.25
C TYR A 27 -15.41 17.99 -11.98
N PHE A 28 -14.45 18.72 -11.42
CA PHE A 28 -13.15 18.15 -11.05
C PHE A 28 -12.64 19.00 -9.88
N THR A 29 -12.82 18.48 -8.67
CA THR A 29 -12.49 19.18 -7.45
C THR A 29 -11.52 18.35 -6.61
N SER A 30 -10.36 18.91 -6.32
CA SER A 30 -9.31 18.18 -5.62
C SER A 30 -9.23 18.63 -4.17
N ILE A 31 -9.02 17.66 -3.28
CA ILE A 31 -8.95 17.90 -1.84
C ILE A 31 -7.49 17.85 -1.43
N ILE A 32 -6.96 18.98 -0.95
CA ILE A 32 -5.55 19.13 -0.64
C ILE A 32 -5.38 19.56 0.80
N GLY A 33 -4.14 19.46 1.27
CA GLY A 33 -3.79 19.76 2.63
C GLY A 33 -2.69 18.84 3.10
N PRO A 34 -2.01 19.20 4.19
CA PRO A 34 -0.91 18.35 4.69
C PRO A 34 -1.43 17.08 5.36
N ASN A 35 -0.49 16.36 5.98
CA ASN A 35 -0.84 15.09 6.61
C ASN A 35 -1.62 15.30 7.89
N GLY A 36 -2.46 14.33 8.23
CA GLY A 36 -3.25 14.40 9.45
C GLY A 36 -4.27 15.51 9.45
N SER A 37 -4.77 15.89 8.29
CA SER A 37 -5.63 17.05 8.18
C SER A 37 -7.10 16.71 7.96
N GLY A 38 -7.42 15.55 7.39
CA GLY A 38 -8.79 15.16 7.23
C GLY A 38 -9.30 15.15 5.80
N LYS A 39 -8.44 14.98 4.81
CA LYS A 39 -8.92 14.73 3.46
C LYS A 39 -9.57 13.36 3.36
N SER A 40 -8.87 12.34 3.87
CA SER A 40 -9.43 11.00 3.90
C SER A 40 -10.60 10.88 4.86
N ASN A 41 -10.68 11.76 5.86
CA ASN A 41 -11.91 11.86 6.65
C ASN A 41 -13.08 12.39 5.84
N SER A 42 -12.83 13.29 4.89
CA SER A 42 -13.90 13.75 4.01
C SER A 42 -14.30 12.64 3.03
N MET A 43 -13.33 11.86 2.57
CA MET A 43 -13.67 10.71 1.73
C MET A 43 -14.44 9.67 2.52
N ASP A 44 -14.11 9.49 3.81
CA ASP A 44 -14.86 8.56 4.64
C ASP A 44 -16.24 9.10 4.96
N ALA A 45 -16.40 10.43 4.96
CA ALA A 45 -17.74 11.00 5.06
C ALA A 45 -18.56 10.69 3.82
N ILE A 46 -17.93 10.75 2.64
CA ILE A 46 -18.61 10.35 1.40
C ILE A 46 -18.97 8.88 1.45
N SER A 47 -18.07 8.04 1.94
CA SER A 47 -18.31 6.61 2.02
C SER A 47 -19.36 6.26 3.06
N PHE A 48 -19.44 7.04 4.13
CA PHE A 48 -20.32 6.71 5.24
C PHE A 48 -21.73 7.23 5.00
N VAL A 49 -21.85 8.38 4.34
CA VAL A 49 -23.16 8.97 4.10
C VAL A 49 -23.99 8.17 3.10
N LEU A 50 -23.37 7.26 2.35
CA LEU A 50 -24.08 6.44 1.40
C LEU A 50 -24.36 5.02 1.89
N GLY A 51 -23.94 4.69 3.10
CA GLY A 51 -24.34 3.44 3.72
C GLY A 51 -23.32 2.34 3.79
N ILE A 52 -22.04 2.66 3.94
CA ILE A 52 -21.02 1.65 4.15
C ILE A 52 -20.84 1.42 5.64
N LYS A 53 -20.94 0.16 6.06
CA LYS A 53 -20.72 -0.19 7.45
C LYS A 53 -19.27 -0.52 7.75
N SER A 54 -18.54 -1.07 6.77
CA SER A 54 -17.17 -1.54 6.96
C SER A 54 -16.18 -0.41 7.28
N ASN A 61 -17.60 -0.31 16.03
CA ASN A 61 -16.69 0.78 15.71
C ASN A 61 -17.46 1.98 15.13
N LEU A 62 -18.78 1.92 15.20
CA LEU A 62 -19.59 3.04 14.72
C LEU A 62 -19.60 4.19 15.72
N ARG A 63 -19.21 3.92 16.97
CA ARG A 63 -19.04 4.98 17.95
C ARG A 63 -17.76 5.76 17.71
N ASP A 64 -16.80 5.16 17.00
CA ASP A 64 -15.50 5.77 16.77
C ASP A 64 -15.53 6.95 15.81
N LEU A 65 -16.64 7.16 15.09
CA LEU A 65 -16.72 8.24 14.11
C LEU A 65 -17.05 9.59 14.74
N ILE A 66 -17.50 9.63 15.98
CA ILE A 66 -17.84 10.88 16.64
C ILE A 66 -16.54 11.56 17.05
N TYR A 67 -16.54 12.90 17.05
CA TYR A 67 -15.33 13.66 17.32
C TYR A 67 -14.94 13.60 18.79
N ARG A 68 -13.63 13.53 19.05
CA ARG A 68 -13.07 13.49 20.40
C ARG A 68 -12.20 14.71 20.62
N GLY A 69 -12.56 15.54 21.59
CA GLY A 69 -11.87 16.80 21.80
C GLY A 69 -10.46 16.70 22.34
N ARG A 70 -10.34 16.28 23.60
CA ARG A 70 -9.07 16.20 24.36
C ARG A 70 -8.27 17.51 24.34
N LYS A 115 -21.16 14.05 21.21
CA LYS A 115 -22.45 13.47 21.57
C LYS A 115 -23.06 12.70 20.41
N THR A 116 -23.60 13.44 19.44
CA THR A 116 -24.19 12.89 18.23
C THR A 116 -23.38 13.37 17.03
N ALA A 117 -23.56 12.67 15.90
CA ALA A 117 -22.86 13.05 14.68
C ALA A 117 -23.80 12.88 13.51
N TRP A 118 -23.63 13.69 12.48
CA TRP A 118 -24.39 13.48 11.26
C TRP A 118 -23.65 14.06 10.07
N VAL A 119 -23.96 13.52 8.90
CA VAL A 119 -23.42 14.00 7.64
C VAL A 119 -24.52 13.96 6.59
N MET A 120 -24.63 15.02 5.80
CA MET A 120 -25.66 15.15 4.78
C MET A 120 -25.02 15.37 3.42
N ALA A 121 -25.39 14.53 2.47
CA ALA A 121 -24.98 14.70 1.08
C ALA A 121 -26.13 15.33 0.30
N VAL A 122 -25.85 16.45 -0.36
CA VAL A 122 -26.80 17.11 -1.24
C VAL A 122 -26.44 16.73 -2.67
N TYR A 123 -27.39 16.15 -3.39
CA TYR A 123 -27.14 15.65 -4.74
C TYR A 123 -28.29 16.11 -5.63
N GLU A 124 -27.96 16.60 -6.82
CA GLU A 124 -29.00 17.00 -7.76
C GLU A 124 -28.96 16.09 -8.98
N ASP A 125 -30.11 15.58 -9.37
CA ASP A 125 -30.22 14.59 -10.44
C ASP A 125 -30.28 15.30 -11.79
N ASP A 126 -30.64 14.56 -12.83
CA ASP A 126 -30.72 15.11 -14.18
C ASP A 126 -31.90 16.06 -14.36
N ALA A 127 -32.96 15.92 -13.56
CA ALA A 127 -34.09 16.84 -13.66
C ALA A 127 -33.77 18.17 -13.02
N GLY A 128 -33.12 18.15 -11.86
CA GLY A 128 -32.76 19.37 -11.14
C GLY A 128 -33.19 19.40 -9.69
N GLU A 129 -33.77 18.33 -9.15
CA GLU A 129 -34.22 18.31 -7.77
C GLU A 129 -33.10 17.83 -6.86
N LEU A 130 -33.08 18.38 -5.65
CA LEU A 130 -32.08 18.03 -4.65
C LEU A 130 -32.54 16.80 -3.88
N HIS A 131 -31.58 15.96 -3.51
CA HIS A 131 -31.84 14.74 -2.74
C HIS A 131 -30.95 14.76 -1.52
N ARG A 132 -31.43 15.42 -0.46
CA ARG A 132 -30.68 15.51 0.79
C ARG A 132 -30.69 14.14 1.46
N TRP A 133 -29.51 13.55 1.63
CA TRP A 133 -29.38 12.26 2.27
C TRP A 133 -28.55 12.44 3.54
N LYS A 134 -29.21 12.34 4.69
CA LYS A 134 -28.55 12.59 5.97
C LYS A 134 -28.45 11.29 6.74
N ARG A 135 -27.24 10.98 7.21
CA ARG A 135 -27.04 9.85 8.10
C ARG A 135 -26.60 10.39 9.45
N THR A 136 -27.21 9.87 10.51
CA THR A 136 -26.97 10.35 11.86
C THR A 136 -26.58 9.19 12.78
N ILE A 137 -25.47 9.36 13.48
CA ILE A 137 -25.08 8.48 14.57
C ILE A 137 -25.62 9.11 15.84
N THR A 138 -26.59 8.42 16.44
CA THR A 138 -27.27 8.88 17.64
C THR A 138 -26.49 8.48 18.88
N ALA A 139 -27.08 8.70 20.05
CA ALA A 139 -26.38 8.55 21.32
C ALA A 139 -26.12 7.10 21.69
N ASN A 140 -26.86 6.15 21.14
CA ASN A 140 -26.73 4.75 21.52
C ASN A 140 -26.09 3.87 20.46
N GLY A 141 -25.50 4.46 19.42
CA GLY A 141 -24.79 3.69 18.42
C GLY A 141 -25.61 3.27 17.22
N THR A 142 -26.85 3.71 17.11
CA THR A 142 -27.71 3.39 15.98
C THR A 142 -27.70 4.53 14.96
N SER A 143 -27.90 4.17 13.70
CA SER A 143 -27.84 5.12 12.60
C SER A 143 -29.24 5.41 12.07
N GLU A 144 -29.60 6.70 12.08
CA GLU A 144 -30.84 7.18 11.52
C GLU A 144 -30.59 7.69 10.11
N TYR A 145 -31.47 7.33 9.19
CA TYR A 145 -31.36 7.76 7.81
C TYR A 145 -32.49 8.73 7.49
N ARG A 146 -32.19 9.79 6.77
CA ARG A 146 -33.20 10.78 6.43
C ARG A 146 -33.05 11.17 4.98
N ILE A 147 -34.17 11.24 4.28
CA ILE A 147 -34.24 11.77 2.93
C ILE A 147 -35.23 12.92 2.95
N ASN A 148 -34.75 14.13 2.61
CA ASN A 148 -35.55 15.35 2.51
C ASN A 148 -36.31 15.64 3.80
N ASP A 149 -35.57 15.58 4.91
CA ASP A 149 -36.06 15.73 6.29
C ASP A 149 -37.12 14.69 6.65
N ARG A 150 -37.09 13.51 6.04
CA ARG A 150 -38.06 12.46 6.33
C ARG A 150 -37.32 11.17 6.69
N VAL A 151 -37.68 10.58 7.84
CA VAL A 151 -36.95 9.44 8.35
C VAL A 151 -37.28 8.19 7.54
N VAL A 152 -36.23 7.46 7.14
CA VAL A 152 -36.32 6.34 6.21
C VAL A 152 -35.47 5.20 6.79
N ASN A 153 -35.90 3.96 6.58
CA ASN A 153 -35.15 2.81 7.04
C ASN A 153 -34.00 2.50 6.08
N ALA A 154 -33.38 1.33 6.28
CA ALA A 154 -32.15 1.03 5.55
C ALA A 154 -32.41 0.67 4.10
N GLN A 155 -33.41 -0.19 3.86
CA GLN A 155 -33.61 -0.74 2.52
C GLN A 155 -34.19 0.30 1.57
N GLN A 156 -35.05 1.20 2.08
CA GLN A 156 -35.57 2.25 1.21
C GLN A 156 -34.54 3.32 0.94
N TYR A 157 -33.62 3.54 1.88
CA TYR A 157 -32.49 4.45 1.66
C TYR A 157 -31.58 3.93 0.55
N ASN A 158 -31.23 2.64 0.63
CA ASN A 158 -30.40 2.05 -0.41
C ASN A 158 -31.15 1.93 -1.74
N GLU A 159 -32.48 1.79 -1.69
CA GLU A 159 -33.27 1.78 -2.92
C GLU A 159 -33.30 3.16 -3.56
N ALA A 160 -33.38 4.23 -2.75
CA ALA A 160 -33.32 5.58 -3.28
C ALA A 160 -31.95 5.89 -3.85
N LEU A 161 -30.90 5.31 -3.26
CA LEU A 161 -29.57 5.47 -3.85
C LEU A 161 -29.43 4.70 -5.16
N GLU A 162 -29.97 3.47 -5.22
CA GLU A 162 -29.84 2.67 -6.43
C GLU A 162 -30.75 3.18 -7.54
N LYS A 163 -31.75 4.00 -7.18
CA LYS A 163 -32.56 4.69 -8.18
C LYS A 163 -31.75 5.67 -9.02
N GLU A 164 -30.71 6.28 -8.44
CA GLU A 164 -29.85 7.20 -9.16
C GLU A 164 -28.47 6.62 -9.44
N ASN A 165 -28.39 5.29 -9.62
CA ASN A 165 -27.21 4.55 -10.06
C ASN A 165 -26.02 4.69 -9.10
N ILE A 166 -26.29 4.92 -7.82
CA ILE A 166 -25.27 4.89 -6.78
C ILE A 166 -25.39 3.54 -6.10
N LEU A 167 -24.53 2.60 -6.49
CA LEU A 167 -24.58 1.21 -6.03
C LEU A 167 -23.46 0.99 -5.02
N ILE A 168 -23.82 1.04 -3.72
CA ILE A 168 -22.86 0.71 -2.67
C ILE A 168 -22.54 -0.77 -2.68
N LYS A 169 -23.51 -1.60 -3.04
CA LYS A 169 -23.32 -3.05 -3.07
C LYS A 169 -22.36 -3.47 -4.18
N ALA A 170 -22.14 -2.61 -5.18
CA ALA A 170 -21.09 -2.83 -6.16
C ALA A 170 -19.80 -2.11 -5.83
N ARG A 171 -19.88 -0.94 -5.17
CA ARG A 171 -18.73 -0.10 -4.80
C ARG A 171 -17.85 0.22 -6.00
N ASN A 172 -18.47 0.83 -7.02
CA ASN A 172 -17.82 1.09 -8.29
C ASN A 172 -17.02 2.39 -8.31
N PHE A 173 -17.23 3.26 -7.33
CA PHE A 173 -16.84 4.66 -7.46
C PHE A 173 -15.97 5.18 -6.32
N LEU A 174 -15.50 4.31 -5.44
CA LEU A 174 -14.66 4.72 -4.34
C LEU A 174 -13.34 3.99 -4.43
N VAL A 175 -12.25 4.76 -4.46
CA VAL A 175 -10.90 4.21 -4.52
C VAL A 175 -10.22 4.61 -3.22
N PHE A 176 -10.05 3.64 -2.33
CA PHE A 176 -9.54 3.94 -1.00
C PHE A 176 -8.02 4.04 -1.01
N GLN A 177 -7.48 4.58 0.09
CA GLN A 177 -6.06 4.80 0.22
C GLN A 177 -5.30 3.49 0.30
N GLY A 178 -4.63 3.12 -0.79
CA GLY A 178 -3.92 1.86 -0.90
C GLY A 178 -4.67 0.81 -1.68
N ASP A 179 -5.84 1.15 -2.26
CA ASP A 179 -6.60 0.16 -3.00
C ASP A 179 -5.95 -0.16 -4.34
N VAL A 180 -5.20 0.79 -4.90
CA VAL A 180 -4.50 0.53 -6.16
C VAL A 180 -3.37 -0.47 -5.94
N GLU A 181 -2.67 -0.39 -4.81
CA GLU A 181 -1.62 -1.35 -4.52
C GLU A 181 -2.22 -2.71 -4.18
N ALA A 182 -3.39 -2.72 -3.56
CA ALA A 182 -4.06 -3.97 -3.25
C ALA A 182 -4.53 -4.68 -4.52
N ILE A 183 -5.12 -3.92 -5.45
CA ILE A 183 -5.59 -4.54 -6.68
C ILE A 183 -4.42 -4.84 -7.63
N ALA A 184 -3.29 -4.15 -7.42
CA ALA A 184 -2.07 -4.54 -8.12
C ALA A 184 -1.42 -5.77 -7.53
N SER A 185 -1.74 -6.09 -6.27
CA SER A 185 -1.25 -7.31 -5.63
C SER A 185 -2.34 -8.35 -5.46
N GLN A 186 -3.42 -8.28 -6.25
CA GLN A 186 -4.52 -9.20 -6.09
C GLN A 186 -4.25 -10.53 -6.81
N SER A 187 -4.90 -11.57 -6.31
CA SER A 187 -4.89 -12.89 -6.93
C SER A 187 -5.96 -12.95 -8.01
N PRO A 188 -5.86 -13.89 -8.96
CA PRO A 188 -6.97 -14.11 -9.90
C PRO A 188 -8.28 -14.47 -9.25
N GLN A 189 -8.27 -15.16 -8.11
CA GLN A 189 -9.50 -15.39 -7.38
C GLN A 189 -10.01 -14.11 -6.74
N ASP A 190 -9.11 -13.22 -6.29
CA ASP A 190 -9.53 -11.94 -5.75
C ASP A 190 -10.12 -11.05 -6.83
N LEU A 191 -9.59 -11.13 -8.05
CA LEU A 191 -10.15 -10.35 -9.14
C LEU A 191 -11.48 -10.93 -9.61
N THR A 192 -11.63 -12.25 -9.54
CA THR A 192 -12.93 -12.87 -9.80
C THR A 192 -13.94 -12.44 -8.74
N ARG A 193 -13.49 -12.31 -7.49
CA ARG A 193 -14.37 -11.79 -6.43
C ARG A 193 -14.75 -10.34 -6.69
N LEU A 194 -13.84 -9.54 -7.23
CA LEU A 194 -14.15 -8.13 -7.50
C LEU A 194 -15.13 -7.99 -8.66
N ILE A 195 -14.98 -8.83 -9.70
CA ILE A 195 -15.92 -8.72 -10.82
C ILE A 195 -17.26 -9.34 -10.44
N GLU A 196 -17.24 -10.34 -9.56
CA GLU A 196 -18.48 -10.89 -9.00
C GLU A 196 -19.17 -9.85 -8.12
N GLN A 197 -18.39 -8.99 -7.47
CA GLN A 197 -18.93 -7.89 -6.69
C GLN A 197 -19.60 -6.85 -7.57
N ILE A 198 -18.84 -6.33 -8.55
CA ILE A 198 -19.33 -5.18 -9.32
C ILE A 198 -20.38 -5.60 -10.33
N SER A 199 -20.47 -6.88 -10.65
CA SER A 199 -21.45 -7.33 -11.63
C SER A 199 -22.86 -7.35 -11.10
N GLY A 200 -23.03 -7.23 -9.78
CA GLY A 200 -24.29 -7.50 -9.13
C GLY A 200 -24.53 -8.97 -8.86
N SER A 201 -23.62 -9.84 -9.32
CA SER A 201 -23.80 -11.27 -9.18
C SER A 201 -23.13 -11.84 -7.94
N LEU A 202 -22.67 -10.98 -7.02
CA LEU A 202 -22.31 -11.51 -5.71
C LEU A 202 -23.54 -11.91 -4.92
N GLU A 203 -24.68 -11.30 -5.21
CA GLU A 203 -25.94 -11.89 -4.78
C GLU A 203 -26.22 -13.12 -5.64
N TYR A 204 -27.17 -13.93 -5.16
CA TYR A 204 -27.42 -15.32 -5.56
C TYR A 204 -26.23 -16.23 -5.31
N LYS A 205 -25.29 -15.85 -4.45
CA LYS A 205 -24.17 -16.74 -4.15
C LYS A 205 -24.56 -17.77 -3.10
N GLU A 206 -25.19 -17.32 -2.00
CA GLU A 206 -25.61 -18.25 -0.96
C GLU A 206 -26.74 -19.14 -1.45
N GLU A 207 -27.58 -18.62 -2.36
CA GLU A 207 -28.62 -19.45 -2.96
C GLU A 207 -28.02 -20.49 -3.89
N TYR A 208 -26.96 -20.10 -4.61
CA TYR A 208 -26.23 -21.04 -5.47
C TYR A 208 -25.63 -22.18 -4.66
N GLU A 209 -24.91 -21.84 -3.57
CA GLU A 209 -24.25 -22.87 -2.77
C GLU A 209 -25.23 -23.71 -1.97
N ARG A 210 -26.30 -23.09 -1.47
CA ARG A 210 -27.37 -23.82 -0.80
C ARG A 210 -28.00 -24.83 -1.73
N LEU A 211 -28.34 -24.41 -2.95
CA LEU A 211 -29.02 -25.32 -3.86
C LEU A 211 -28.05 -26.32 -4.49
N GLU A 212 -26.74 -25.99 -4.52
CA GLU A 212 -25.72 -27.01 -4.78
C GLU A 212 -25.81 -28.15 -3.78
N GLU A 213 -25.86 -27.80 -2.49
CA GLU A 213 -25.99 -28.82 -1.45
C GLU A 213 -27.32 -29.57 -1.58
N GLU A 214 -28.39 -28.87 -1.96
CA GLU A 214 -29.70 -29.52 -2.12
C GLU A 214 -29.68 -30.55 -3.25
N VAL A 215 -29.16 -30.18 -4.42
CA VAL A 215 -29.18 -31.12 -5.54
C VAL A 215 -28.17 -32.23 -5.32
N ARG A 216 -27.09 -31.96 -4.57
CA ARG A 216 -26.10 -33.00 -4.31
C ARG A 216 -26.64 -34.05 -3.35
N GLN A 217 -27.27 -33.60 -2.25
CA GLN A 217 -27.96 -34.51 -1.34
C GLN A 217 -29.06 -35.28 -2.06
N ALA A 218 -29.78 -34.61 -2.97
CA ALA A 218 -30.86 -35.26 -3.69
C ALA A 218 -30.38 -36.36 -4.63
N THR A 219 -29.31 -36.10 -5.41
CA THR A 219 -28.86 -37.12 -6.34
C THR A 219 -28.11 -38.25 -5.61
N GLU A 220 -27.44 -37.92 -4.49
CA GLU A 220 -26.78 -38.96 -3.70
C GLU A 220 -27.78 -39.86 -2.99
N GLU A 221 -28.85 -39.28 -2.45
CA GLU A 221 -29.91 -40.06 -1.85
C GLU A 221 -30.68 -40.85 -2.91
N GLN A 222 -30.75 -40.33 -4.14
CA GLN A 222 -31.36 -41.08 -5.24
C GLN A 222 -30.52 -42.30 -5.61
N ALA A 223 -29.20 -42.14 -5.64
CA ALA A 223 -28.33 -43.25 -6.00
C ALA A 223 -28.34 -44.34 -4.93
N TYR A 224 -28.24 -43.96 -3.66
CA TYR A 224 -28.27 -44.97 -2.61
C TYR A 224 -29.69 -45.49 -2.39
N LYS A 225 -30.69 -44.71 -2.79
CA LYS A 225 -32.07 -45.20 -2.90
C LYS A 225 -32.18 -46.32 -3.90
N LEU A 226 -31.53 -46.17 -5.07
CA LEU A 226 -31.49 -47.23 -6.07
C LEU A 226 -30.77 -48.46 -5.54
N GLN A 227 -29.64 -48.27 -4.87
CA GLN A 227 -28.86 -49.42 -4.39
C GLN A 227 -29.57 -50.16 -3.27
N ARG A 228 -30.18 -49.47 -2.31
CA ARG A 228 -30.91 -50.21 -1.28
C ARG A 228 -32.28 -50.65 -1.77
N ARG A 229 -32.75 -50.09 -2.89
CA ARG A 229 -33.96 -50.61 -3.51
C ARG A 229 -33.70 -51.96 -4.18
N ARG A 230 -32.59 -52.08 -4.91
CA ARG A 230 -32.25 -53.40 -5.46
C ARG A 230 -31.78 -54.35 -4.36
N ALA A 231 -31.32 -53.82 -3.23
CA ALA A 231 -31.05 -54.68 -2.08
C ALA A 231 -32.34 -55.15 -1.41
N ALA A 232 -33.40 -54.34 -1.45
CA ALA A 232 -34.70 -54.77 -0.95
C ALA A 232 -35.33 -55.78 -1.90
N ASN A 233 -35.04 -55.64 -3.20
CA ASN A 233 -35.45 -56.66 -4.16
C ASN A 233 -34.63 -57.94 -4.00
N SER A 234 -33.43 -57.83 -3.43
CA SER A 234 -32.58 -58.99 -3.21
C SER A 234 -33.13 -59.88 -2.09
N LYS B 4 12.13 26.66 0.63
CA LYS B 4 12.30 27.75 -0.33
C LYS B 4 11.00 28.51 -0.53
N ALA B 5 9.95 27.77 -0.92
CA ALA B 5 8.66 28.39 -1.23
C ALA B 5 8.03 28.99 0.03
N ILE B 6 7.99 28.22 1.13
CA ILE B 6 7.31 28.67 2.33
C ILE B 6 8.05 29.86 2.94
N VAL B 7 9.36 30.00 2.68
CA VAL B 7 10.11 31.12 3.24
C VAL B 7 9.66 32.39 2.52
N GLN B 8 9.47 32.27 1.20
CA GLN B 8 9.02 33.38 0.38
C GLN B 8 7.64 33.82 0.81
N MET B 9 6.74 32.84 1.00
CA MET B 9 5.37 33.12 1.43
C MET B 9 5.38 33.75 2.82
N ALA B 10 6.28 33.26 3.69
CA ALA B 10 6.40 33.78 5.05
C ALA B 10 6.85 35.23 5.03
N LYS B 11 7.70 35.59 4.06
CA LYS B 11 8.18 36.97 3.99
C LYS B 11 7.07 37.87 3.49
N ILE B 12 6.29 37.40 2.51
CA ILE B 12 5.19 38.20 1.99
C ILE B 12 4.12 38.37 3.06
N LEU B 13 3.91 37.36 3.90
CA LEU B 13 2.92 37.50 4.94
C LEU B 13 3.42 38.40 6.06
N ARG B 14 4.71 38.31 6.40
CA ARG B 14 5.27 39.22 7.41
C ARG B 14 5.22 40.67 6.94
N LYS B 15 5.29 40.87 5.61
CA LYS B 15 5.25 42.21 5.06
C LYS B 15 3.84 42.75 5.05
N GLU B 16 2.88 41.93 4.60
CA GLU B 16 1.50 42.40 4.53
C GLU B 16 0.89 42.52 5.92
N LEU B 17 1.22 41.61 6.84
CA LEU B 17 0.66 41.64 8.19
C LEU B 17 1.47 42.49 9.16
N SER B 18 2.55 43.14 8.70
CA SER B 18 3.25 44.07 9.58
C SER B 18 2.48 45.39 9.66
N GLU B 19 1.87 45.80 8.55
CA GLU B 19 1.07 47.02 8.49
C GLU B 19 -0.41 46.83 8.78
N GLU B 20 -1.07 45.85 8.17
CA GLU B 20 -2.50 45.66 8.34
C GLU B 20 -2.80 44.51 9.31
N LYS B 21 -3.99 44.58 9.92
CA LYS B 21 -4.39 43.54 10.85
C LYS B 21 -4.84 42.29 10.10
N GLU B 22 -5.44 42.45 8.93
CA GLU B 22 -5.94 41.34 8.12
C GLU B 22 -5.47 41.64 6.70
N VAL B 23 -5.24 40.57 5.92
CA VAL B 23 -4.89 40.71 4.50
C VAL B 23 -5.62 39.64 3.69
N ILE B 24 -6.03 39.98 2.46
CA ILE B 24 -6.74 39.06 1.60
C ILE B 24 -5.72 38.19 0.86
N PHE B 25 -6.04 36.88 0.72
CA PHE B 25 -5.13 35.92 0.07
C PHE B 25 -4.78 36.35 -1.34
N THR B 26 -5.77 36.83 -2.10
CA THR B 26 -5.60 37.25 -3.48
C THR B 26 -4.65 38.44 -3.59
N ASP B 27 -4.54 39.24 -2.53
CA ASP B 27 -3.56 40.32 -2.52
C ASP B 27 -2.15 39.75 -2.38
N VAL B 28 -1.96 38.76 -1.50
CA VAL B 28 -0.66 38.09 -1.39
C VAL B 28 -0.31 37.42 -2.71
N LEU B 29 -1.31 36.92 -3.43
CA LEU B 29 -1.03 36.22 -4.68
C LEU B 29 -0.65 37.22 -5.77
N LYS B 30 -1.30 38.38 -5.78
CA LYS B 30 -0.94 39.46 -6.70
C LYS B 30 0.43 40.03 -6.38
N SER B 31 0.79 40.07 -5.10
CA SER B 31 2.09 40.58 -4.70
C SER B 31 3.19 39.61 -5.10
N GLN B 32 2.94 38.30 -4.97
CA GLN B 32 3.96 37.31 -5.28
C GLN B 32 4.13 37.14 -6.79
N ALA B 33 3.03 37.21 -7.55
CA ALA B 33 3.15 37.03 -8.99
C ALA B 33 3.72 38.25 -9.70
N ASN B 34 3.76 39.42 -9.04
CA ASN B 34 4.29 40.69 -9.57
C ASN B 34 3.61 41.05 -10.88
N THR B 35 2.30 40.77 -10.97
CA THR B 35 1.51 41.06 -12.15
C THR B 35 0.06 41.24 -11.68
N GLU B 36 -0.79 41.65 -12.62
CA GLU B 36 -2.21 41.87 -12.36
C GLU B 36 -2.89 40.50 -12.20
N PRO B 37 -4.03 40.43 -11.47
CA PRO B 37 -4.64 39.10 -11.21
C PRO B 37 -5.09 38.34 -12.45
N GLU B 38 -5.38 39.01 -13.56
CA GLU B 38 -5.78 38.30 -14.78
C GLU B 38 -4.67 37.42 -15.35
N ASN B 39 -3.41 37.70 -15.02
CA ASN B 39 -2.27 36.98 -15.59
C ASN B 39 -1.72 35.91 -14.64
N ILE B 40 -2.25 35.82 -13.41
CA ILE B 40 -1.81 34.82 -12.45
C ILE B 40 -2.21 33.44 -12.97
N THR B 41 -1.33 32.46 -12.83
CA THR B 41 -1.62 31.16 -13.40
C THR B 41 -2.03 30.18 -12.31
N LYS B 42 -2.66 29.09 -12.75
CA LYS B 42 -3.15 28.04 -11.84
C LYS B 42 -2.03 27.45 -10.98
N ARG B 43 -0.84 27.25 -11.55
CA ARG B 43 0.26 26.65 -10.78
C ARG B 43 0.67 27.55 -9.62
N GLU B 44 0.73 28.87 -9.85
CA GLU B 44 1.09 29.79 -8.78
C GLU B 44 0.01 29.86 -7.71
N ALA B 45 -1.26 29.96 -8.12
CA ALA B 45 -2.37 30.04 -7.17
C ALA B 45 -2.46 28.78 -6.31
N SER B 46 -2.29 27.61 -6.93
CA SER B 46 -2.36 26.37 -6.18
C SER B 46 -1.16 26.21 -5.26
N ARG B 47 0.03 26.65 -5.72
CA ARG B 47 1.24 26.57 -4.91
C ARG B 47 1.12 27.44 -3.67
N GLY B 48 0.68 28.69 -3.85
CA GLY B 48 0.50 29.57 -2.71
C GLY B 48 -0.59 29.11 -1.77
N PHE B 49 -1.70 28.61 -2.32
CA PHE B 49 -2.80 28.09 -1.52
C PHE B 49 -2.35 26.94 -0.63
N PHE B 50 -1.61 25.99 -1.21
CA PHE B 50 -1.10 24.87 -0.41
C PHE B 50 -0.08 25.34 0.59
N ASP B 51 0.66 26.39 0.26
CA ASP B 51 1.67 26.89 1.17
C ASP B 51 1.01 27.52 2.38
N ILE B 52 -0.08 28.26 2.16
CA ILE B 52 -0.75 28.86 3.30
C ILE B 52 -1.47 27.81 4.12
N LEU B 53 -1.96 26.72 3.50
CA LEU B 53 -2.51 25.61 4.29
C LEU B 53 -1.45 24.97 5.19
N SER B 54 -0.23 24.85 4.67
CA SER B 54 0.85 24.27 5.47
C SER B 54 1.23 25.20 6.61
N LEU B 55 1.37 26.48 6.31
CA LEU B 55 1.70 27.48 7.32
C LEU B 55 0.63 27.58 8.40
N ALA B 56 -0.65 27.41 8.01
CA ALA B 56 -1.77 27.44 8.95
C ALA B 56 -1.83 26.19 9.82
N THR B 57 -1.52 25.03 9.24
CA THR B 57 -1.51 23.76 9.98
C THR B 57 -0.44 23.74 11.07
N GLU B 58 0.65 24.45 10.87
CA GLU B 58 1.67 24.58 11.92
C GLU B 58 1.25 25.52 13.05
N GLY B 59 0.14 26.24 12.91
CA GLY B 59 -0.34 27.12 13.94
C GLY B 59 0.30 28.48 13.95
N CYS B 60 0.85 28.90 12.82
CA CYS B 60 1.55 30.17 12.68
C CYS B 60 0.67 31.28 12.15
N ILE B 61 -0.41 30.97 11.44
CA ILE B 61 -1.29 31.99 10.87
C ILE B 61 -2.75 31.61 11.07
N GLY B 62 -3.65 32.58 10.90
CA GLY B 62 -5.08 32.33 10.92
C GLY B 62 -5.79 32.63 9.62
N LEU B 63 -6.80 31.82 9.31
CA LEU B 63 -7.55 31.85 8.07
C LEU B 63 -9.04 31.96 8.35
N SER B 64 -9.73 32.85 7.63
CA SER B 64 -11.16 33.07 7.80
C SER B 64 -11.80 33.19 6.42
N GLN B 65 -12.82 32.38 6.15
CA GLN B 65 -13.56 32.46 4.90
C GLN B 65 -15.03 32.23 5.17
N THR B 66 -15.86 33.23 4.87
CA THR B 66 -17.26 33.21 5.28
C THR B 66 -18.25 33.06 4.13
N GLU B 67 -17.79 33.04 2.87
CA GLU B 67 -18.69 32.83 1.74
C GLU B 67 -18.20 31.67 0.87
N ALA B 68 -19.14 31.06 0.15
CA ALA B 68 -18.83 29.97 -0.79
C ALA B 68 -17.97 30.54 -1.90
N PHE B 69 -16.74 30.03 -2.05
CA PHE B 69 -15.73 30.52 -2.99
C PHE B 69 -15.41 31.99 -2.76
N GLY B 70 -15.57 32.44 -1.52
CA GLY B 70 -15.32 33.82 -1.16
C GLY B 70 -13.88 34.13 -0.83
N ASN B 71 -13.67 35.41 -0.50
CA ASN B 71 -12.36 35.94 -0.12
C ASN B 71 -11.83 35.26 1.14
N ILE B 72 -10.51 35.08 1.19
CA ILE B 72 -9.84 34.49 2.34
C ILE B 72 -9.15 35.60 3.12
N LYS B 73 -9.46 35.70 4.40
CA LYS B 73 -8.88 36.72 5.27
C LYS B 73 -7.80 36.06 6.12
N ILE B 74 -6.65 36.71 6.21
CA ILE B 74 -5.48 36.16 6.89
C ILE B 74 -5.12 37.09 8.04
N ASP B 75 -4.91 36.50 9.22
CA ASP B 75 -4.46 37.27 10.38
C ASP B 75 -3.21 36.62 10.96
N ALA B 76 -2.44 37.42 11.69
CA ALA B 76 -1.15 36.99 12.23
C ALA B 76 -1.28 36.38 13.62
N LYS B 77 -0.39 35.43 13.91
CA LYS B 77 -0.24 34.87 15.23
C LYS B 77 1.13 35.26 15.78
N PRO B 78 1.35 35.19 17.11
CA PRO B 78 2.69 35.51 17.66
C PRO B 78 3.83 34.66 17.11
N ALA B 79 3.59 33.36 16.88
CA ALA B 79 4.59 32.40 16.41
C ALA B 79 5.06 32.64 14.98
N LEU B 80 4.38 33.52 14.23
CA LEU B 80 4.77 33.84 12.86
C LEU B 80 6.14 34.49 12.74
N PHE B 81 6.52 35.35 13.69
CA PHE B 81 7.80 36.04 13.53
C PHE B 81 8.99 35.36 14.21
N GLU B 82 8.92 34.07 14.54
CA GLU B 82 10.10 33.39 15.08
C GLU B 82 10.39 32.05 14.41
N ARG B 83 9.42 31.46 13.71
CA ARG B 83 9.55 30.16 13.05
C ARG B 83 9.10 30.36 11.60
N PHE B 84 10.02 30.82 10.75
CA PHE B 84 9.83 31.02 9.32
C PHE B 84 8.60 31.88 8.99
N TYR C 3 32.36 2.76 1.89
CA TYR C 3 32.50 1.35 2.21
C TYR C 3 32.37 0.54 0.92
N ILE C 4 31.18 0.56 0.34
CA ILE C 4 30.98 0.02 -0.99
C ILE C 4 31.52 1.02 -2.02
N LYS C 5 32.19 0.52 -3.06
CA LYS C 5 32.97 1.38 -3.95
C LYS C 5 32.41 1.47 -5.36
N ARG C 6 32.23 0.34 -6.05
CA ARG C 6 31.71 0.37 -7.41
C ARG C 6 30.98 -0.93 -7.73
N VAL C 7 29.92 -0.81 -8.52
CA VAL C 7 29.05 -1.93 -8.86
C VAL C 7 29.18 -2.19 -10.35
N ILE C 8 29.32 -3.45 -10.73
CA ILE C 8 29.45 -3.86 -12.13
C ILE C 8 28.35 -4.85 -12.44
N ILE C 9 27.43 -4.46 -13.32
CA ILE C 9 26.21 -5.20 -13.59
C ILE C 9 26.17 -5.53 -15.08
N LYS C 10 26.23 -6.81 -15.41
CA LYS C 10 26.19 -7.20 -16.82
C LYS C 10 25.17 -8.33 -17.00
N GLY C 11 24.27 -8.15 -17.96
CA GLY C 11 23.32 -9.19 -18.30
C GLY C 11 22.20 -9.39 -17.30
N PHE C 12 21.98 -8.43 -16.40
CA PHE C 12 20.90 -8.50 -15.44
C PHE C 12 19.62 -7.97 -16.09
N LYS C 13 18.57 -7.72 -15.30
CA LYS C 13 17.20 -7.72 -15.82
C LYS C 13 16.92 -6.61 -16.84
N THR C 14 17.50 -5.43 -16.68
CA THR C 14 17.27 -4.35 -17.65
C THR C 14 18.59 -3.65 -17.97
N TYR C 15 19.65 -4.42 -18.17
CA TYR C 15 20.98 -3.82 -18.28
C TYR C 15 21.73 -4.36 -19.48
N ARG C 16 22.71 -3.57 -19.91
CA ARG C 16 23.46 -3.77 -21.15
C ARG C 16 24.55 -4.83 -21.00
N ASN C 17 25.48 -4.87 -21.95
CA ASN C 17 26.55 -5.85 -21.95
C ASN C 17 27.51 -5.70 -20.77
N GLU C 18 27.67 -4.48 -20.23
CA GLU C 18 28.35 -4.25 -18.94
C GLU C 18 28.01 -2.83 -18.51
N THR C 19 27.68 -2.65 -17.24
CA THR C 19 27.28 -1.37 -16.69
C THR C 19 28.06 -1.12 -15.42
N ILE C 20 28.93 -0.11 -15.43
CA ILE C 20 29.80 0.19 -14.29
C ILE C 20 29.33 1.46 -13.62
N ILE C 21 29.01 1.39 -12.34
CA ILE C 21 28.68 2.55 -11.53
C ILE C 21 29.80 2.71 -10.50
N ASP C 22 30.44 3.88 -10.49
CA ASP C 22 31.63 4.06 -9.68
C ASP C 22 31.58 5.45 -9.03
N ASN C 23 32.51 5.67 -8.11
CA ASN C 23 32.75 6.95 -7.42
C ASN C 23 31.53 7.40 -6.61
N PHE C 24 31.18 6.58 -5.61
CA PHE C 24 30.27 7.03 -4.56
C PHE C 24 30.96 6.92 -3.20
N SER C 25 31.04 8.05 -2.52
CA SER C 25 31.67 8.18 -1.21
C SER C 25 30.89 7.39 -0.17
N PRO C 26 31.54 7.01 0.95
CA PRO C 26 30.84 6.26 2.01
C PRO C 26 29.68 6.99 2.69
N HIS C 27 29.42 8.25 2.39
CA HIS C 27 28.27 8.96 2.92
C HIS C 27 27.05 8.72 2.02
N GLN C 28 26.00 9.52 2.18
CA GLN C 28 24.72 9.27 1.54
C GLN C 28 24.80 9.48 0.03
N ASN C 29 24.31 8.49 -0.73
CA ASN C 29 24.21 8.57 -2.18
C ASN C 29 22.80 8.19 -2.63
N VAL C 30 22.33 8.89 -3.67
CA VAL C 30 20.95 8.83 -4.12
C VAL C 30 20.91 8.44 -5.58
N ILE C 31 20.10 7.42 -5.91
CA ILE C 31 19.87 7.00 -7.29
C ILE C 31 18.47 7.43 -7.68
N ILE C 32 18.37 8.18 -8.78
CA ILE C 32 17.10 8.68 -9.30
C ILE C 32 16.88 8.12 -10.69
N GLY C 33 15.67 8.29 -11.19
CA GLY C 33 15.27 7.84 -12.50
C GLY C 33 13.83 8.17 -12.77
N SER C 34 13.11 7.28 -13.45
CA SER C 34 11.67 7.41 -13.64
C SER C 34 11.03 6.05 -13.51
N ASN C 35 9.72 6.01 -13.68
CA ASN C 35 8.96 4.76 -13.50
C ASN C 35 9.24 3.83 -14.65
N GLY C 36 9.99 2.76 -14.38
CA GLY C 36 10.42 1.83 -15.40
C GLY C 36 11.89 1.91 -15.73
N SER C 37 12.65 2.79 -15.06
CA SER C 37 14.06 2.95 -15.37
C SER C 37 14.87 1.75 -14.92
N GLY C 38 14.75 1.39 -13.65
CA GLY C 38 15.54 0.30 -13.11
C GLY C 38 16.21 0.66 -11.80
N LYS C 39 15.78 1.77 -11.19
CA LYS C 39 16.37 2.21 -9.94
C LYS C 39 15.97 1.33 -8.76
N SER C 40 14.93 0.51 -8.91
CA SER C 40 14.65 -0.58 -7.99
C SER C 40 15.21 -1.90 -8.49
N ASN C 41 15.73 -1.92 -9.71
CA ASN C 41 16.34 -3.13 -10.23
C ASN C 41 17.84 -3.14 -9.96
N PHE C 42 18.42 -1.96 -9.74
CA PHE C 42 19.77 -1.86 -9.22
C PHE C 42 19.85 -2.37 -7.79
N PHE C 43 18.81 -2.12 -6.99
CA PHE C 43 18.77 -2.67 -5.63
C PHE C 43 18.56 -4.17 -5.68
N ALA C 44 17.84 -4.66 -6.68
CA ALA C 44 17.71 -6.10 -6.86
C ALA C 44 18.96 -6.70 -7.51
N ALA C 45 19.86 -5.85 -8.02
CA ALA C 45 21.18 -6.34 -8.39
C ALA C 45 22.11 -6.39 -7.19
N ILE C 46 21.94 -5.48 -6.23
CA ILE C 46 22.74 -5.53 -5.00
C ILE C 46 22.31 -6.70 -4.13
N ARG C 47 20.99 -6.92 -3.96
CA ARG C 47 20.48 -8.03 -3.16
C ARG C 47 20.81 -9.39 -3.75
N PHE C 48 21.09 -9.45 -5.06
CA PHE C 48 21.38 -10.71 -5.72
C PHE C 48 22.72 -11.30 -5.28
N VAL C 49 23.62 -10.48 -4.76
CA VAL C 49 24.95 -10.92 -4.35
C VAL C 49 25.07 -11.02 -2.84
N LEU C 50 24.81 -9.91 -2.14
CA LEU C 50 25.10 -9.84 -0.71
C LEU C 50 24.07 -10.62 0.09
N SER C 51 22.80 -10.25 -0.02
CA SER C 51 21.76 -10.83 0.81
C SER C 51 21.30 -12.17 0.23
N ASP C 52 20.28 -12.75 0.86
CA ASP C 52 19.83 -14.10 0.52
C ASP C 52 18.37 -14.12 0.11
N ASP C 53 17.97 -13.18 -0.75
CA ASP C 53 16.64 -13.22 -1.35
C ASP C 53 16.57 -14.31 -2.43
N TYR C 54 17.58 -14.35 -3.29
CA TYR C 54 17.63 -15.34 -4.38
C TYR C 54 18.55 -16.48 -3.95
N SER C 55 18.00 -17.37 -3.11
CA SER C 55 18.80 -18.42 -2.49
C SER C 55 19.07 -19.57 -3.45
N ASN C 56 18.02 -20.30 -3.84
CA ASN C 56 18.13 -21.41 -4.78
C ASN C 56 16.85 -21.42 -5.63
N LEU C 57 17.02 -21.27 -6.94
CA LEU C 57 15.92 -20.90 -7.81
C LEU C 57 15.69 -21.96 -8.89
N LYS C 58 14.42 -22.10 -9.28
CA LYS C 58 14.07 -22.96 -10.41
C LYS C 58 14.04 -22.10 -11.68
N ARG C 59 13.54 -22.69 -12.78
CA ARG C 59 13.77 -22.14 -14.12
C ARG C 59 13.06 -20.81 -14.33
N GLU C 60 11.86 -20.66 -13.76
CA GLU C 60 11.11 -19.42 -13.95
C GLU C 60 11.76 -18.25 -13.21
N GLU C 61 12.34 -18.50 -12.03
CA GLU C 61 13.00 -17.42 -11.31
C GLU C 61 14.31 -17.03 -11.99
N ARG C 62 15.03 -18.01 -12.56
CA ARG C 62 16.22 -17.72 -13.35
C ARG C 62 15.87 -16.93 -14.62
N GLN C 63 14.76 -17.27 -15.27
CA GLN C 63 14.34 -16.51 -16.44
C GLN C 63 13.85 -15.12 -16.05
N GLY C 64 13.36 -14.97 -14.82
CA GLY C 64 13.06 -13.63 -14.31
C GLY C 64 14.30 -12.81 -14.04
N LEU C 65 15.41 -13.47 -13.66
CA LEU C 65 16.65 -12.73 -13.44
C LEU C 65 17.33 -12.38 -14.76
N ILE C 66 17.46 -13.35 -15.66
CA ILE C 66 18.24 -13.19 -16.88
C ILE C 66 17.52 -12.25 -17.85
N HIS C 67 18.30 -11.38 -18.48
CA HIS C 67 17.79 -10.39 -19.43
C HIS C 67 17.13 -11.05 -20.63
N GLN C 68 15.87 -10.70 -20.88
CA GLN C 68 15.17 -11.11 -22.10
C GLN C 68 15.20 -9.96 -23.10
N GLY C 69 16.41 -9.56 -23.47
CA GLY C 69 16.64 -8.39 -24.28
C GLY C 69 16.65 -8.59 -25.78
N SER C 70 15.46 -8.79 -26.37
CA SER C 70 15.24 -8.84 -27.82
C SER C 70 16.02 -10.00 -28.46
N GLY C 71 16.10 -11.12 -27.77
CA GLY C 71 16.81 -12.26 -28.28
C GLY C 71 18.32 -12.16 -28.24
N GLY C 72 18.87 -11.37 -27.33
CA GLY C 72 20.31 -11.26 -27.20
C GLY C 72 20.74 -11.27 -25.74
N SER C 73 21.87 -11.94 -25.50
CA SER C 73 22.52 -12.05 -24.17
C SER C 73 21.60 -12.66 -23.13
N VAL C 74 20.93 -13.76 -23.49
CA VAL C 74 20.12 -14.52 -22.54
C VAL C 74 20.93 -15.60 -21.83
N MET C 75 22.27 -15.55 -21.91
CA MET C 75 23.09 -16.57 -21.29
C MET C 75 23.17 -16.39 -19.78
N SER C 76 23.68 -15.25 -19.34
CA SER C 76 24.05 -15.12 -17.93
C SER C 76 23.77 -13.73 -17.40
N ALA C 77 23.76 -13.62 -16.08
CA ALA C 77 23.67 -12.36 -15.36
C ALA C 77 24.76 -12.35 -14.31
N SER C 78 25.38 -11.19 -14.08
CA SER C 78 26.53 -11.10 -13.22
C SER C 78 26.57 -9.74 -12.55
N VAL C 79 26.82 -9.74 -11.24
CA VAL C 79 26.91 -8.51 -10.45
C VAL C 79 28.16 -8.61 -9.58
N GLU C 80 29.10 -7.69 -9.76
CA GLU C 80 30.26 -7.59 -8.89
C GLU C 80 30.13 -6.33 -8.06
N ILE C 81 30.51 -6.42 -6.78
CA ILE C 81 30.47 -5.28 -5.88
C ILE C 81 31.82 -5.15 -5.22
N VAL C 82 32.46 -4.00 -5.40
CA VAL C 82 33.80 -3.73 -4.89
C VAL C 82 33.66 -2.93 -3.60
N PHE C 83 34.38 -3.35 -2.56
CA PHE C 83 34.43 -2.63 -1.30
C PHE C 83 35.77 -1.91 -1.16
N HIS C 84 35.90 -1.11 -0.10
CA HIS C 84 37.19 -0.56 0.29
C HIS C 84 37.23 -0.50 1.81
N ASP C 85 38.35 -0.92 2.39
CA ASP C 85 38.46 -1.08 3.83
C ASP C 85 39.93 -1.06 4.23
N PRO C 86 40.25 -0.56 5.42
CA PRO C 86 41.62 -0.75 5.93
C PRO C 86 41.88 -2.20 6.34
N ASP C 87 40.91 -2.86 6.96
CA ASP C 87 41.03 -4.28 7.31
C ASP C 87 39.68 -4.94 7.12
N HIS C 88 39.65 -6.02 6.35
CA HIS C 88 38.42 -6.70 5.99
C HIS C 88 38.63 -8.20 6.09
N SER C 89 37.56 -8.93 6.38
CA SER C 89 37.66 -10.38 6.53
C SER C 89 37.83 -11.05 5.17
N MET C 90 38.31 -12.28 5.20
CA MET C 90 38.60 -13.01 3.98
C MET C 90 38.60 -14.49 4.31
N ILE C 91 38.50 -15.33 3.28
CA ILE C 91 38.50 -16.77 3.46
C ILE C 91 39.85 -17.41 3.10
N LEU C 92 40.40 -17.09 1.93
CA LEU C 92 41.70 -17.56 1.51
C LEU C 92 42.32 -16.32 0.89
N PRO C 93 43.69 -16.17 0.91
CA PRO C 93 44.30 -14.89 0.51
C PRO C 93 44.01 -14.46 -0.92
N SER C 94 44.24 -15.35 -1.88
CA SER C 94 43.67 -15.27 -3.23
C SER C 94 44.15 -14.02 -3.99
N GLY C 95 45.36 -13.55 -3.69
CA GLY C 95 45.85 -12.33 -4.28
C GLY C 95 45.14 -11.09 -3.76
N VAL C 96 45.40 -10.73 -2.50
CA VAL C 96 44.79 -9.57 -1.85
C VAL C 96 45.17 -8.29 -2.59
N LEU C 97 44.17 -7.66 -3.22
CA LEU C 97 44.40 -6.36 -3.82
C LEU C 97 44.49 -5.29 -2.74
N SER C 98 45.08 -4.16 -3.10
CA SER C 98 45.19 -3.02 -2.18
C SER C 98 43.82 -2.38 -2.06
N ARG C 99 43.07 -2.78 -1.03
CA ARG C 99 41.69 -2.40 -0.71
C ARG C 99 40.66 -2.81 -1.75
N GLY C 100 41.05 -3.60 -2.75
CA GLY C 100 40.13 -4.05 -3.77
C GLY C 100 39.53 -5.41 -3.50
N ASP C 101 38.82 -5.56 -2.39
CA ASP C 101 38.22 -6.84 -2.02
C ASP C 101 36.95 -7.05 -2.82
N ASP C 102 37.12 -7.45 -4.08
CA ASP C 102 36.03 -7.86 -4.96
C ASP C 102 36.08 -9.35 -5.27
N GLU C 103 37.24 -10.00 -5.10
CA GLU C 103 37.34 -11.44 -5.29
C GLU C 103 36.60 -12.22 -4.22
N VAL C 104 36.24 -11.57 -3.11
CA VAL C 104 35.45 -12.22 -2.07
C VAL C 104 33.95 -12.03 -2.25
N THR C 105 33.51 -10.91 -2.82
CA THR C 105 32.12 -10.71 -3.22
C THR C 105 32.08 -10.86 -4.74
N ILE C 106 31.96 -12.11 -5.16
CA ILE C 106 32.22 -12.56 -6.52
C ILE C 106 31.03 -12.22 -7.42
N ARG C 107 31.20 -12.43 -8.73
CA ARG C 107 30.28 -11.92 -9.74
C ARG C 107 28.87 -12.52 -9.68
N ARG C 108 28.69 -13.68 -9.02
CA ARG C 108 27.39 -14.34 -8.83
C ARG C 108 26.73 -14.65 -10.18
N THR C 109 27.35 -15.57 -10.91
CA THR C 109 26.90 -15.92 -12.25
C THR C 109 25.78 -16.94 -12.18
N VAL C 110 24.65 -16.63 -12.82
CA VAL C 110 23.55 -17.59 -12.96
C VAL C 110 23.31 -17.83 -14.45
N GLY C 111 22.84 -19.03 -14.77
CA GLY C 111 22.51 -19.35 -16.14
C GLY C 111 21.09 -19.88 -16.26
N LEU C 112 20.73 -20.40 -17.43
CA LEU C 112 19.45 -21.09 -17.55
C LEU C 112 19.46 -22.37 -16.73
N LYS C 113 20.55 -23.13 -16.81
CA LYS C 113 20.79 -24.21 -15.88
C LYS C 113 21.38 -23.66 -14.59
N LYS C 114 21.62 -24.53 -13.61
CA LYS C 114 22.20 -24.11 -12.35
C LYS C 114 23.71 -23.97 -12.56
N ASP C 115 24.14 -22.75 -12.89
CA ASP C 115 25.56 -22.47 -13.04
C ASP C 115 26.14 -22.03 -11.71
N ASP C 116 27.28 -22.61 -11.34
CA ASP C 116 27.91 -22.32 -10.07
C ASP C 116 29.02 -21.29 -10.26
N TYR C 117 29.00 -20.24 -9.44
CA TYR C 117 29.92 -19.12 -9.54
C TYR C 117 31.23 -19.44 -8.82
N GLN C 118 32.16 -18.49 -8.82
CA GLN C 118 33.56 -18.76 -8.53
C GLN C 118 34.05 -18.00 -7.29
N LEU C 119 35.37 -18.05 -7.10
CA LEU C 119 36.09 -17.19 -6.16
C LEU C 119 37.44 -16.93 -6.80
N ASN C 120 37.54 -15.86 -7.61
CA ASN C 120 38.69 -15.49 -8.46
C ASN C 120 39.29 -16.72 -9.16
N ASP C 121 38.49 -17.25 -10.11
CA ASP C 121 38.80 -18.39 -10.99
C ASP C 121 38.80 -19.73 -10.25
N ARG C 122 38.13 -19.82 -9.10
CA ARG C 122 37.93 -21.11 -8.41
C ARG C 122 36.48 -21.19 -7.93
N ASN C 123 35.75 -22.17 -8.46
CA ASN C 123 34.33 -22.34 -8.15
C ASN C 123 34.14 -22.75 -6.69
N VAL C 124 33.51 -21.87 -5.91
CA VAL C 124 33.46 -21.91 -4.45
C VAL C 124 32.03 -21.70 -4.00
N THR C 125 31.60 -22.50 -3.03
CA THR C 125 30.26 -22.47 -2.46
C THR C 125 29.88 -21.10 -1.89
N LYS C 126 28.56 -20.91 -1.72
CA LYS C 126 28.00 -19.74 -1.07
C LYS C 126 28.42 -19.63 0.39
N GLY C 127 28.75 -20.77 1.02
CA GLY C 127 29.09 -20.79 2.43
C GLY C 127 30.32 -19.98 2.78
N ASP C 128 31.32 -19.96 1.88
CA ASP C 128 32.50 -19.14 2.14
C ASP C 128 32.19 -17.65 2.02
N ILE C 129 31.26 -17.30 1.13
CA ILE C 129 30.83 -15.92 1.00
C ILE C 129 30.09 -15.46 2.24
N VAL C 130 29.17 -16.29 2.73
CA VAL C 130 28.44 -15.90 3.93
C VAL C 130 29.31 -16.03 5.16
N ARG C 131 30.39 -16.82 5.10
CA ARG C 131 31.33 -16.89 6.21
C ARG C 131 32.19 -15.63 6.30
N MET C 132 32.63 -15.11 5.15
CA MET C 132 33.41 -13.87 5.21
C MET C 132 32.51 -12.68 5.50
N LEU C 133 31.23 -12.74 5.10
CA LEU C 133 30.31 -11.67 5.46
C LEU C 133 29.83 -11.82 6.89
N GLU C 134 29.97 -13.00 7.49
CA GLU C 134 29.75 -13.17 8.92
C GLU C 134 30.74 -12.34 9.73
N THR C 135 32.01 -12.42 9.37
CA THR C 135 33.07 -11.71 10.08
C THR C 135 33.31 -10.30 9.53
N ALA C 136 32.50 -9.85 8.58
CA ALA C 136 32.55 -8.47 8.08
C ALA C 136 31.50 -7.59 8.73
N GLY C 137 30.85 -8.07 9.79
CA GLY C 137 29.86 -7.26 10.48
C GLY C 137 28.52 -7.16 9.80
N PHE C 138 28.16 -8.14 8.97
CA PHE C 138 26.89 -8.16 8.27
C PHE C 138 26.10 -9.41 8.63
N SER C 139 24.89 -9.50 8.06
CA SER C 139 24.06 -10.70 8.19
C SER C 139 23.20 -10.79 6.94
N MET C 140 23.05 -12.00 6.40
CA MET C 140 22.46 -12.22 5.08
C MET C 140 20.94 -12.31 5.12
N ASN C 141 20.31 -12.12 6.27
CA ASN C 141 18.86 -12.16 6.37
C ASN C 141 18.34 -11.06 7.29
N ASN C 142 18.95 -9.88 7.21
CA ASN C 142 18.51 -8.77 8.05
C ASN C 142 17.26 -8.12 7.47
N PRO C 143 16.31 -7.71 8.32
CA PRO C 143 15.12 -7.02 7.81
C PRO C 143 15.33 -5.56 7.51
N TYR C 144 16.51 -5.00 7.81
CA TYR C 144 16.77 -3.59 7.59
C TYR C 144 17.65 -3.30 6.38
N ASN C 145 18.55 -4.21 6.01
CA ASN C 145 19.40 -3.97 4.86
C ASN C 145 18.69 -4.13 3.52
N ILE C 146 17.39 -4.41 3.51
CA ILE C 146 16.57 -4.48 2.32
C ILE C 146 15.25 -3.78 2.63
N VAL C 147 14.98 -2.67 1.96
CA VAL C 147 13.68 -2.03 2.03
C VAL C 147 13.15 -2.03 0.60
N PRO C 148 12.44 -3.05 0.16
CA PRO C 148 12.03 -3.13 -1.24
C PRO C 148 10.78 -2.29 -1.48
N GLN C 149 10.27 -2.37 -2.72
CA GLN C 149 9.04 -1.71 -3.07
C GLN C 149 7.86 -2.41 -2.40
N GLY C 150 7.21 -1.73 -1.47
CA GLY C 150 6.05 -2.27 -0.80
C GLY C 150 6.25 -2.73 0.63
N LYS C 151 7.41 -2.45 1.24
CA LYS C 151 7.63 -2.88 2.61
C LYS C 151 7.07 -1.88 3.62
N ILE C 152 7.24 -0.58 3.35
CA ILE C 152 6.73 0.43 4.27
C ILE C 152 5.21 0.53 4.17
N VAL C 153 4.63 0.18 3.02
CA VAL C 153 3.18 0.11 2.97
C VAL C 153 2.68 -1.18 3.61
N ALA C 154 3.56 -2.19 3.74
CA ALA C 154 3.19 -3.42 4.44
C ALA C 154 3.24 -3.23 5.94
N LEU C 155 4.19 -2.44 6.44
CA LEU C 155 4.27 -2.13 7.86
C LEU C 155 3.32 -1.02 8.28
N THR C 156 2.50 -0.50 7.38
CA THR C 156 1.39 0.36 7.75
C THR C 156 0.05 -0.37 7.64
N ASN C 157 0.04 -1.62 7.17
CA ASN C 157 -1.18 -2.42 7.22
C ASN C 157 -0.95 -3.75 7.93
N ALA C 158 0.10 -3.85 8.73
CA ALA C 158 0.35 -5.02 9.55
C ALA C 158 -0.22 -4.79 10.95
N LYS C 159 -0.97 -5.78 11.42
CA LYS C 159 -1.56 -5.68 12.75
C LYS C 159 -0.52 -6.08 13.79
N ASP C 160 -0.93 -6.08 15.06
CA ASP C 160 0.03 -6.04 16.18
C ASP C 160 0.83 -7.32 16.31
N LYS C 161 0.22 -8.47 16.06
CA LYS C 161 0.95 -9.72 16.18
C LYS C 161 1.97 -9.91 15.07
N GLU C 162 1.71 -9.39 13.86
CA GLU C 162 2.72 -9.49 12.81
C GLU C 162 3.91 -8.57 13.09
N ARG C 163 3.68 -7.41 13.70
CA ARG C 163 4.78 -6.57 14.12
C ARG C 163 5.56 -7.22 15.25
N LEU C 164 4.88 -7.95 16.14
CA LEU C 164 5.62 -8.66 17.17
C LEU C 164 6.43 -9.82 16.60
N GLN C 165 5.93 -10.48 15.54
CA GLN C 165 6.74 -11.52 14.91
C GLN C 165 7.93 -10.91 14.16
N LEU C 166 7.77 -9.73 13.56
CA LEU C 166 8.93 -9.13 12.93
C LEU C 166 9.95 -8.65 13.96
N LEU C 167 9.50 -8.19 15.13
CA LEU C 167 10.42 -7.91 16.22
C LEU C 167 11.11 -9.17 16.71
N GLU C 168 10.39 -10.30 16.74
CA GLU C 168 10.97 -11.57 17.13
C GLU C 168 12.05 -12.03 16.15
N ASP C 169 11.86 -11.76 14.86
CA ASP C 169 12.91 -12.06 13.89
C ASP C 169 14.02 -11.00 13.89
N VAL C 170 13.74 -9.79 14.37
CA VAL C 170 14.81 -8.81 14.62
C VAL C 170 15.73 -9.31 15.72
N VAL C 171 15.15 -9.86 16.80
CA VAL C 171 15.97 -10.46 17.85
C VAL C 171 16.68 -11.70 17.33
N GLY C 172 16.02 -12.45 16.45
CA GLY C 172 16.55 -13.74 16.07
C GLY C 172 16.35 -14.77 17.14
N ALA C 173 15.31 -14.60 17.97
CA ALA C 173 15.07 -15.44 19.13
C ALA C 173 14.36 -16.74 18.78
N LYS C 174 14.21 -17.08 17.50
CA LYS C 174 13.72 -18.42 17.19
C LYS C 174 14.84 -19.45 17.22
N SER C 175 16.07 -19.04 17.52
CA SER C 175 17.06 -19.95 18.05
C SER C 175 16.75 -20.39 19.48
N PHE C 176 15.82 -19.71 20.13
CA PHE C 176 15.25 -20.14 21.40
C PHE C 176 13.82 -20.66 21.26
N GLU C 177 13.25 -20.61 20.06
CA GLU C 177 11.88 -21.05 19.81
C GLU C 177 11.79 -22.28 18.91
N VAL C 178 12.49 -22.31 17.77
CA VAL C 178 12.41 -23.50 16.94
C VAL C 178 13.33 -24.60 17.47
N LYS C 179 14.35 -24.25 18.26
CA LYS C 179 15.04 -25.26 19.06
C LYS C 179 14.11 -25.77 20.16
N LEU C 180 13.31 -24.88 20.74
CA LEU C 180 12.25 -25.31 21.65
C LEU C 180 11.17 -26.08 20.90
N LYS C 181 11.00 -25.85 19.61
CA LYS C 181 10.09 -26.68 18.82
C LYS C 181 10.67 -28.05 18.52
N ALA C 182 11.99 -28.15 18.40
CA ALA C 182 12.62 -29.46 18.27
C ALA C 182 12.53 -30.24 19.57
N SER C 183 12.69 -29.56 20.71
CA SER C 183 12.42 -30.22 21.99
C SER C 183 10.93 -30.47 22.19
N LEU C 184 10.06 -29.73 21.50
CA LEU C 184 8.63 -30.03 21.52
C LEU C 184 8.34 -31.31 20.74
N LYS C 185 9.02 -31.50 19.61
CA LYS C 185 9.02 -32.79 18.90
C LYS C 185 9.48 -33.92 19.82
N LYS C 186 10.59 -33.69 20.54
CA LYS C 186 11.06 -34.60 21.59
C LYS C 186 10.00 -34.86 22.65
N MET C 187 9.25 -33.82 23.03
CA MET C 187 8.25 -33.94 24.09
C MET C 187 7.10 -34.83 23.66
N GLU C 188 6.56 -34.59 22.46
CA GLU C 188 5.43 -35.39 21.97
C GLU C 188 5.83 -36.84 21.74
N GLU C 189 7.00 -37.08 21.13
CA GLU C 189 7.40 -38.46 20.85
C GLU C 189 7.76 -39.18 22.14
N THR C 190 8.45 -38.49 23.06
CA THR C 190 8.85 -39.09 24.34
C THR C 190 7.63 -39.41 25.19
N GLU C 191 6.62 -38.53 25.15
CA GLU C 191 5.39 -38.73 25.91
C GLU C 191 4.63 -39.95 25.40
N GLN C 192 4.28 -39.97 24.10
CA GLN C 192 3.44 -41.08 23.62
C GLN C 192 4.24 -42.36 23.41
N LYS C 193 5.56 -42.31 23.53
CA LYS C 193 6.34 -43.55 23.59
C LYS C 193 6.45 -44.08 25.01
N LYS C 194 6.93 -43.26 25.94
CA LYS C 194 7.33 -43.79 27.22
C LYS C 194 6.20 -43.82 28.25
N ILE C 195 5.04 -43.24 27.94
CA ILE C 195 3.87 -43.59 28.74
C ILE C 195 3.51 -45.06 28.54
N GLN C 196 3.49 -45.52 27.27
CA GLN C 196 3.26 -46.94 26.99
C GLN C 196 4.38 -47.81 27.53
N ILE C 197 5.62 -47.31 27.46
CA ILE C 197 6.77 -48.05 27.99
C ILE C 197 6.66 -48.23 29.51
N ASN C 198 6.32 -47.17 30.26
CA ASN C 198 6.23 -47.35 31.70
C ASN C 198 4.98 -48.09 32.14
N LYS C 199 3.88 -48.04 31.37
CA LYS C 199 2.73 -48.87 31.76
C LYS C 199 2.97 -50.35 31.49
N GLU C 200 3.68 -50.69 30.40
CA GLU C 200 4.02 -52.10 30.23
C GLU C 200 5.10 -52.54 31.22
N MET C 201 5.98 -51.62 31.63
CA MET C 201 6.91 -51.95 32.71
C MET C 201 6.21 -52.13 34.04
N GLY C 202 5.17 -51.35 34.32
CA GLY C 202 4.38 -51.56 35.52
C GLY C 202 3.51 -52.79 35.45
N GLU C 203 3.17 -53.24 34.23
CA GLU C 203 2.67 -54.59 34.05
C GLU C 203 3.69 -55.64 34.50
N LEU C 204 4.95 -55.49 34.08
CA LEU C 204 5.93 -56.51 34.46
C LEU C 204 6.41 -56.29 35.90
N ASN C 205 6.78 -55.05 36.25
CA ASN C 205 7.20 -54.76 37.63
C ASN C 205 6.04 -54.85 38.60
N ASP C 316 14.27 -55.49 36.81
CA ASP C 316 14.38 -54.14 37.33
C ASP C 316 14.14 -53.14 36.20
N LEU C 317 12.86 -52.92 35.88
CA LEU C 317 12.46 -51.97 34.87
C LEU C 317 11.80 -50.73 35.45
N ALA C 318 11.49 -50.75 36.75
CA ALA C 318 11.00 -49.55 37.42
C ALA C 318 12.09 -48.48 37.51
N GLU C 319 13.35 -48.90 37.47
CA GLU C 319 14.46 -47.95 37.33
C GLU C 319 14.41 -47.23 35.99
N ARG C 320 14.10 -47.96 34.92
CA ARG C 320 13.93 -47.33 33.61
C ARG C 320 12.72 -46.40 33.58
N ALA C 321 11.63 -46.80 34.25
CA ALA C 321 10.46 -45.93 34.37
C ALA C 321 10.76 -44.69 35.21
N SER C 322 11.57 -44.84 36.26
CA SER C 322 11.86 -43.72 37.14
C SER C 322 12.77 -42.70 36.46
N GLU C 323 13.79 -43.16 35.73
CA GLU C 323 14.62 -42.17 35.05
C GLU C 323 13.98 -41.65 33.76
N LEU C 324 12.97 -42.33 33.20
CA LEU C 324 12.21 -41.63 32.17
C LEU C 324 11.26 -40.60 32.77
N ASP C 325 10.78 -40.82 34.00
CA ASP C 325 10.02 -39.79 34.70
C ASP C 325 10.90 -38.57 35.00
N GLU C 326 12.14 -38.81 35.45
CA GLU C 326 13.05 -37.69 35.66
C GLU C 326 13.55 -37.09 34.34
N SER C 327 13.51 -37.86 33.24
CA SER C 327 13.77 -37.27 31.93
C SER C 327 12.64 -36.34 31.50
N LYS C 328 11.39 -36.70 31.83
CA LYS C 328 10.29 -35.78 31.56
C LYS C 328 10.37 -34.55 32.47
N ASP C 329 10.89 -34.73 33.69
CA ASP C 329 11.19 -33.59 34.55
C ASP C 329 12.26 -32.70 33.95
N SER C 330 13.26 -33.32 33.29
CA SER C 330 14.28 -32.56 32.57
C SER C 330 13.70 -31.82 31.38
N ILE C 331 12.71 -32.43 30.71
CA ILE C 331 11.97 -31.77 29.63
C ILE C 331 11.25 -30.53 30.15
N GLN C 332 10.61 -30.67 31.32
CA GLN C 332 9.96 -29.54 31.99
C GLN C 332 10.96 -28.43 32.31
N ASP C 333 12.12 -28.80 32.88
CA ASP C 333 13.17 -27.85 33.23
C ASP C 333 13.65 -27.09 32.00
N LEU C 334 13.95 -27.80 30.92
CA LEU C 334 14.51 -27.15 29.74
C LEU C 334 13.46 -26.27 29.06
N ILE C 335 12.18 -26.66 29.06
CA ILE C 335 11.20 -25.84 28.36
C ILE C 335 10.91 -24.56 29.15
N VAL C 336 10.89 -24.63 30.49
CA VAL C 336 10.62 -23.40 31.23
C VAL C 336 11.86 -22.51 31.24
N LYS C 337 13.05 -23.11 31.22
CA LYS C 337 14.26 -22.30 31.23
C LYS C 337 14.50 -21.66 29.86
N LEU C 338 14.14 -22.33 28.77
CA LEU C 338 14.29 -21.69 27.46
C LEU C 338 13.18 -20.67 27.19
N LYS C 339 11.99 -20.84 27.79
CA LYS C 339 11.03 -19.75 27.78
C LYS C 339 11.56 -18.54 28.55
N GLN C 340 12.29 -18.80 29.65
CA GLN C 340 12.95 -17.73 30.39
C GLN C 340 14.02 -17.05 29.55
N GLN C 341 14.81 -17.83 28.78
CA GLN C 341 15.81 -17.26 27.87
C GLN C 341 15.16 -16.40 26.79
N LYS C 342 14.02 -16.86 26.26
CA LYS C 342 13.32 -16.14 25.21
C LYS C 342 12.81 -14.79 25.72
N VAL C 343 12.17 -14.78 26.88
CA VAL C 343 11.67 -13.52 27.44
C VAL C 343 12.83 -12.63 27.90
N ASN C 344 13.91 -13.24 28.41
CA ASN C 344 15.12 -12.51 28.80
C ASN C 344 15.77 -11.78 27.62
N ALA C 345 15.75 -12.39 26.43
CA ALA C 345 16.25 -11.69 25.26
C ALA C 345 15.26 -10.66 24.74
N VAL C 346 13.97 -11.03 24.70
CA VAL C 346 12.96 -10.22 24.03
C VAL C 346 12.72 -8.91 24.78
N ASP C 347 12.67 -8.95 26.11
CA ASP C 347 12.39 -7.72 26.83
C ASP C 347 13.60 -6.80 26.89
N SER C 348 14.82 -7.33 26.84
CA SER C 348 16.00 -6.49 26.75
C SER C 348 16.07 -5.77 25.40
N THR C 349 15.80 -6.52 24.32
CA THR C 349 15.74 -5.90 23.00
C THR C 349 14.60 -4.90 22.91
N PHE C 350 13.49 -5.17 23.61
CA PHE C 350 12.37 -4.24 23.61
C PHE C 350 12.67 -3.00 24.41
N GLN C 351 13.45 -3.14 25.49
CA GLN C 351 13.91 -1.98 26.25
C GLN C 351 14.86 -1.12 25.43
N LYS C 352 15.60 -1.74 24.50
CA LYS C 352 16.38 -0.94 23.55
C LYS C 352 15.48 -0.26 22.52
N VAL C 353 14.54 -1.02 21.96
CA VAL C 353 13.69 -0.56 20.84
C VAL C 353 12.80 0.59 21.27
N SER C 354 12.17 0.45 22.43
CA SER C 354 11.21 1.43 22.90
C SER C 354 11.81 2.81 23.06
N GLU C 355 13.04 2.86 23.54
CA GLU C 355 13.69 4.14 23.79
C GLU C 355 14.36 4.68 22.53
N ASN C 356 14.86 3.79 21.66
CA ASN C 356 15.34 4.22 20.35
C ASN C 356 14.20 4.85 19.53
N PHE C 357 13.02 4.22 19.57
CA PHE C 357 11.83 4.74 18.93
C PHE C 357 11.38 6.07 19.51
N GLU C 358 11.48 6.23 20.84
CA GLU C 358 11.18 7.51 21.48
C GLU C 358 12.10 8.61 20.98
N ALA C 359 13.40 8.33 20.92
CA ALA C 359 14.36 9.34 20.48
C ALA C 359 14.20 9.66 19.00
N VAL C 360 13.97 8.64 18.16
CA VAL C 360 13.81 8.83 16.73
C VAL C 360 12.54 9.63 16.43
N PHE C 361 11.44 9.31 17.10
CA PHE C 361 10.20 10.02 16.84
C PHE C 361 10.23 11.43 17.41
N GLU C 362 10.90 11.64 18.54
CA GLU C 362 11.00 13.01 19.04
C GLU C 362 12.02 13.83 18.25
N ARG C 363 12.87 13.19 17.45
CA ARG C 363 13.72 13.93 16.53
C ARG C 363 13.00 14.23 15.22
N LEU C 364 12.20 13.28 14.71
CA LEU C 364 11.40 13.54 13.51
C LEU C 364 10.30 14.56 13.79
N VAL C 365 9.39 14.22 14.71
CA VAL C 365 8.33 15.14 15.13
C VAL C 365 8.81 15.83 16.40
N PRO C 366 9.08 17.14 16.37
CA PRO C 366 9.57 17.82 17.57
C PRO C 366 8.45 18.31 18.48
N ARG C 367 7.23 17.82 18.26
CA ARG C 367 6.06 18.25 19.00
C ARG C 367 5.31 17.13 19.70
N GLY C 368 5.77 15.89 19.60
CA GLY C 368 5.00 14.77 20.11
C GLY C 368 5.77 13.75 20.92
N THR C 369 5.05 12.76 21.44
CA THR C 369 5.61 11.68 22.22
C THR C 369 5.24 10.38 21.52
N ALA C 370 6.04 9.33 21.76
CA ALA C 370 5.80 8.04 21.10
C ALA C 370 6.46 6.93 21.90
N LYS C 371 5.65 5.98 22.36
CA LYS C 371 6.17 4.80 23.05
C LYS C 371 5.75 3.53 22.31
N LEU C 372 6.13 2.38 22.85
CA LEU C 372 5.55 1.10 22.48
C LEU C 372 5.09 0.41 23.75
N ILE C 373 3.88 -0.15 23.71
CA ILE C 373 3.30 -0.85 24.84
C ILE C 373 3.08 -2.31 24.43
N ILE C 374 3.82 -3.21 25.07
CA ILE C 374 3.85 -4.60 24.65
C ILE C 374 2.64 -5.36 25.21
N HIS C 375 2.03 -6.18 24.36
CA HIS C 375 0.88 -6.98 24.76
C HIS C 375 1.19 -8.47 24.65
N ILE C 414 2.77 -4.61 17.39
CA ILE C 414 2.44 -4.19 18.73
C ILE C 414 1.89 -2.78 18.62
N SER C 415 0.98 -2.42 19.51
CA SER C 415 0.37 -1.09 19.44
C SER C 415 1.38 -0.01 19.80
N VAL C 416 1.20 1.16 19.19
CA VAL C 416 2.10 2.29 19.36
C VAL C 416 1.30 3.50 19.83
N SER C 417 1.36 3.77 21.13
CA SER C 417 0.68 4.93 21.71
C SER C 417 1.46 6.19 21.39
N PHE C 418 0.94 7.00 20.47
CA PHE C 418 1.60 8.26 20.14
C PHE C 418 0.58 9.29 19.67
N ASN C 419 1.08 10.48 19.39
CA ASN C 419 0.28 11.63 19.01
C ASN C 419 1.18 12.63 18.31
N SER C 420 0.68 13.86 18.12
CA SER C 420 1.48 14.93 17.55
C SER C 420 1.58 16.16 18.44
N LYS C 421 0.78 16.23 19.51
CA LYS C 421 0.87 17.28 20.50
C LYS C 421 0.41 16.69 21.83
N GLN C 422 0.01 17.55 22.76
CA GLN C 422 -0.51 17.09 24.05
C GLN C 422 -1.90 16.50 23.83
N ASN C 423 -1.92 15.23 23.47
CA ASN C 423 -3.13 14.55 23.02
C ASN C 423 -3.16 13.15 23.63
N GLU C 424 -4.03 12.31 23.11
CA GLU C 424 -4.28 10.97 23.64
C GLU C 424 -3.45 9.95 22.87
N GLN C 425 -3.70 8.66 23.13
CA GLN C 425 -3.02 7.57 22.45
C GLN C 425 -3.85 7.10 21.26
N LEU C 426 -3.17 6.81 20.15
CA LEU C 426 -3.83 6.26 18.98
C LEU C 426 -2.89 5.27 18.31
N HIS C 427 -3.36 4.04 18.12
CA HIS C 427 -2.55 3.03 17.44
C HIS C 427 -2.88 3.06 15.94
N VAL C 428 -2.48 2.04 15.20
CA VAL C 428 -2.42 2.09 13.74
C VAL C 428 -3.76 1.81 13.08
N GLU C 429 -4.83 1.77 13.87
CA GLU C 429 -6.17 1.71 13.29
C GLU C 429 -6.73 3.10 12.98
N GLN C 430 -6.34 4.11 13.77
CA GLN C 430 -6.98 5.41 13.78
C GLN C 430 -6.02 6.51 13.33
N LEU C 431 -5.25 6.26 12.28
CA LEU C 431 -4.20 7.19 11.89
C LEU C 431 -4.30 7.58 10.42
N SER C 432 -3.86 8.80 10.14
CA SER C 432 -3.59 9.24 8.78
C SER C 432 -2.44 8.44 8.19
N GLY C 433 -2.41 8.34 6.86
CA GLY C 433 -1.34 7.60 6.19
C GLY C 433 0.02 8.25 6.33
N GLY C 434 0.05 9.57 6.50
CA GLY C 434 1.27 10.30 6.70
C GLY C 434 1.97 9.94 7.99
N GLN C 435 1.29 10.09 9.13
CA GLN C 435 1.93 9.70 10.37
C GLN C 435 2.00 8.20 10.57
N LYS C 436 1.21 7.43 9.82
CA LYS C 436 1.39 5.98 9.80
C LYS C 436 2.72 5.60 9.16
N THR C 437 3.07 6.23 8.03
CA THR C 437 4.38 5.93 7.47
C THR C 437 5.51 6.61 8.24
N VAL C 438 5.24 7.68 8.99
CA VAL C 438 6.23 8.25 9.90
C VAL C 438 6.55 7.25 11.01
N CYS C 439 5.53 6.66 11.62
CA CYS C 439 5.77 5.71 12.70
C CYS C 439 6.37 4.41 12.16
N ALA C 440 6.03 4.02 10.92
CA ALA C 440 6.65 2.83 10.34
C ALA C 440 8.14 3.04 10.08
N ILE C 441 8.52 4.18 9.51
CA ILE C 441 9.95 4.39 9.30
C ILE C 441 10.68 4.72 10.60
N ALA C 442 9.99 5.23 11.63
CA ALA C 442 10.63 5.40 12.93
C ALA C 442 10.90 4.07 13.59
N LEU C 443 9.97 3.12 13.43
CA LEU C 443 10.19 1.77 13.94
C LEU C 443 11.36 1.10 13.21
N ILE C 444 11.47 1.31 11.90
CA ILE C 444 12.55 0.66 11.18
C ILE C 444 13.90 1.37 11.49
N LEU C 445 13.87 2.67 11.81
CA LEU C 445 15.07 3.37 12.23
C LEU C 445 15.40 3.15 13.70
N ALA C 446 14.61 2.30 14.35
CA ALA C 446 14.83 1.84 15.72
C ALA C 446 15.47 0.45 15.60
N ILE C 447 14.96 -0.32 14.62
CA ILE C 447 15.42 -1.66 14.26
C ILE C 447 16.84 -1.61 13.71
N GLN C 448 17.23 -0.52 13.05
CA GLN C 448 18.64 -0.33 12.68
C GLN C 448 19.51 -0.16 13.92
N MET C 449 18.96 0.44 14.99
CA MET C 449 19.79 0.83 16.11
C MET C 449 19.94 -0.28 17.12
N VAL C 450 19.26 -1.41 16.94
CA VAL C 450 19.62 -2.57 17.76
C VAL C 450 20.89 -3.25 17.22
N ASP C 451 21.13 -3.17 15.91
CA ASP C 451 22.37 -3.67 15.31
C ASP C 451 22.73 -2.90 14.05
N PRO C 452 23.55 -1.86 14.15
CA PRO C 452 23.88 -1.07 12.96
C PRO C 452 24.84 -1.79 12.03
N ALA C 453 24.57 -1.68 10.72
CA ALA C 453 25.39 -2.23 9.65
C ALA C 453 26.10 -1.08 8.93
N SER C 454 26.77 -1.41 7.82
CA SER C 454 27.60 -0.43 7.13
C SER C 454 27.00 0.12 5.84
N PHE C 455 26.03 -0.57 5.24
CA PHE C 455 25.37 -0.09 4.03
C PHE C 455 23.88 -0.38 4.12
N TYR C 456 23.08 0.61 3.74
CA TYR C 456 21.62 0.50 3.79
C TYR C 456 21.01 0.86 2.45
N LEU C 457 19.81 0.36 2.21
CA LEU C 457 19.11 0.55 0.93
C LEU C 457 17.71 1.06 1.21
N PHE C 458 17.38 2.22 0.62
CA PHE C 458 16.14 2.93 0.90
C PHE C 458 15.36 3.17 -0.39
N ASP C 459 14.53 2.22 -0.79
CA ASP C 459 13.70 2.38 -1.99
C ASP C 459 12.45 3.13 -1.59
N GLU C 460 12.45 4.45 -1.86
CA GLU C 460 11.34 5.37 -1.57
C GLU C 460 10.96 5.35 -0.09
N ILE C 461 11.92 5.72 0.75
CA ILE C 461 11.69 5.69 2.19
C ILE C 461 10.79 6.86 2.61
N ASP C 462 10.72 7.91 1.79
CA ASP C 462 9.75 8.98 1.97
C ASP C 462 8.75 8.86 0.83
N ALA C 463 7.63 8.16 1.08
CA ALA C 463 6.69 7.86 0.01
C ALA C 463 6.01 9.10 -0.55
N CYS C 464 5.12 9.71 0.22
CA CYS C 464 4.40 10.92 -0.21
C CYS C 464 4.07 11.83 0.97
N LEU C 465 5.03 12.16 1.81
CA LEU C 465 4.66 12.74 3.09
C LEU C 465 4.28 14.21 3.07
N ASP C 466 5.28 15.10 3.05
CA ASP C 466 5.10 16.52 3.35
C ASP C 466 6.45 17.21 3.27
N LYS C 467 6.42 18.54 3.32
CA LYS C 467 7.68 19.28 3.34
C LYS C 467 8.41 19.09 4.67
N GLN C 468 7.68 19.19 5.77
CA GLN C 468 8.29 19.06 7.09
C GLN C 468 8.77 17.64 7.35
N TYR C 469 7.99 16.64 6.92
CA TYR C 469 8.39 15.26 7.19
C TYR C 469 9.56 14.82 6.33
N ARG C 470 9.58 15.19 5.05
CA ARG C 470 10.76 14.88 4.24
C ARG C 470 11.99 15.67 4.67
N THR C 471 11.80 16.90 5.15
CA THR C 471 12.93 17.68 5.67
C THR C 471 13.51 17.03 6.92
N ALA C 472 12.64 16.55 7.82
CA ALA C 472 13.09 15.89 9.03
C ALA C 472 13.77 14.54 8.73
N VAL C 473 13.20 13.77 7.80
CA VAL C 473 13.80 12.48 7.43
C VAL C 473 15.14 12.69 6.71
N ALA C 474 15.23 13.73 5.89
CA ALA C 474 16.48 14.02 5.19
C ALA C 474 17.57 14.48 6.16
N THR C 475 17.20 15.32 7.13
CA THR C 475 18.18 15.78 8.12
C THR C 475 18.61 14.66 9.04
N LEU C 476 17.69 13.78 9.43
CA LEU C 476 18.06 12.65 10.26
C LEU C 476 18.91 11.64 9.48
N LEU C 477 18.63 11.46 8.19
CA LEU C 477 19.47 10.57 7.39
C LEU C 477 20.84 11.15 7.14
N LYS C 478 20.95 12.48 7.03
CA LYS C 478 22.27 13.10 6.92
C LYS C 478 23.05 12.96 8.22
N GLU C 479 22.37 13.04 9.37
CA GLU C 479 23.04 12.81 10.64
C GLU C 479 23.44 11.34 10.81
N LEU C 480 22.63 10.43 10.30
CA LEU C 480 22.92 9.00 10.36
C LEU C 480 23.96 8.55 9.34
N SER C 481 24.21 9.33 8.30
CA SER C 481 25.19 8.98 7.30
C SER C 481 26.63 9.26 7.73
N LYS C 482 26.85 9.66 8.98
CA LYS C 482 28.19 9.81 9.53
C LYS C 482 28.81 8.49 9.95
N ASN C 483 28.07 7.40 9.89
CA ASN C 483 28.55 6.09 10.33
C ASN C 483 28.48 5.01 9.28
N ALA C 484 27.61 5.14 8.28
CA ALA C 484 27.39 4.04 7.33
C ALA C 484 26.98 4.60 5.98
N GLN C 485 27.01 3.72 4.98
CA GLN C 485 26.51 4.07 3.65
C GLN C 485 24.99 4.12 3.67
N PHE C 486 24.43 5.09 2.95
CA PHE C 486 22.98 5.24 2.85
C PHE C 486 22.62 5.37 1.37
N ILE C 487 22.47 4.23 0.71
CA ILE C 487 21.97 4.22 -0.66
C ILE C 487 20.46 4.41 -0.63
N CYS C 488 19.95 5.34 -1.43
CA CYS C 488 18.54 5.71 -1.35
C CYS C 488 17.98 5.93 -2.74
N THR C 489 16.67 6.20 -2.80
CA THR C 489 15.97 6.49 -4.03
C THR C 489 14.92 7.55 -3.70
N THR C 490 14.81 8.58 -4.55
CA THR C 490 13.83 9.62 -4.31
C THR C 490 13.18 10.04 -5.62
N PHE C 491 12.04 10.71 -5.48
CA PHE C 491 11.43 11.48 -6.57
C PHE C 491 11.39 12.96 -6.23
N ARG C 492 11.68 13.33 -4.99
CA ARG C 492 11.52 14.69 -4.52
C ARG C 492 12.83 15.19 -3.95
N THR C 493 13.09 16.48 -4.12
CA THR C 493 14.41 17.06 -3.91
C THR C 493 14.78 17.30 -2.46
N ASP C 494 14.11 16.73 -1.46
CA ASP C 494 14.46 17.04 -0.08
C ASP C 494 15.66 16.24 0.40
N MET C 495 15.87 15.04 -0.15
CA MET C 495 17.11 14.31 0.07
C MET C 495 18.09 14.49 -1.09
N LEU C 496 17.87 15.49 -1.94
CA LEU C 496 18.83 15.89 -2.95
C LEU C 496 19.62 17.12 -2.55
N GLN C 497 19.04 18.01 -1.75
CA GLN C 497 19.77 19.18 -1.29
C GLN C 497 20.77 18.85 -0.19
N VAL C 498 20.67 17.66 0.40
CA VAL C 498 21.49 17.31 1.55
C VAL C 498 22.44 16.15 1.26
N ALA C 499 22.22 15.39 0.19
CA ALA C 499 23.07 14.24 -0.11
C ALA C 499 24.38 14.68 -0.73
N ASP C 500 25.16 13.71 -1.19
CA ASP C 500 26.49 13.98 -1.74
C ASP C 500 26.71 13.42 -3.13
N LYS C 501 26.13 12.27 -3.46
CA LYS C 501 26.32 11.63 -4.75
C LYS C 501 24.97 11.36 -5.37
N PHE C 502 24.86 11.58 -6.68
CA PHE C 502 23.59 11.45 -7.38
C PHE C 502 23.83 10.68 -8.66
N PHE C 503 23.13 9.57 -8.83
CA PHE C 503 23.17 8.76 -10.04
C PHE C 503 21.83 8.86 -10.75
N ARG C 504 21.84 8.82 -12.07
CA ARG C 504 20.60 8.84 -12.85
C ARG C 504 20.55 7.59 -13.72
N VAL C 505 19.44 6.86 -13.64
CA VAL C 505 19.22 5.69 -14.47
C VAL C 505 18.46 6.13 -15.72
N LYS C 506 19.09 6.00 -16.88
CA LYS C 506 18.52 6.46 -18.14
C LYS C 506 17.64 5.36 -18.71
N TYR C 507 16.34 5.62 -18.79
CA TYR C 507 15.43 4.60 -19.29
C TYR C 507 15.46 4.56 -20.80
N GLU C 508 15.55 3.34 -21.33
CA GLU C 508 15.08 3.00 -22.65
C GLU C 508 14.08 1.87 -22.44
N CYS C 509 13.53 1.34 -23.52
CA CYS C 509 12.40 0.45 -23.27
C CYS C 509 12.79 -1.02 -23.13
N LYS C 510 14.04 -1.40 -23.38
CA LYS C 510 14.52 -2.72 -22.98
C LYS C 510 15.84 -2.70 -22.20
N ILE C 511 16.71 -1.72 -22.41
CA ILE C 511 18.02 -1.65 -21.76
C ILE C 511 18.11 -0.35 -20.99
N SER C 512 19.07 -0.29 -20.06
CA SER C 512 19.23 0.89 -19.24
C SER C 512 20.67 0.96 -18.74
N THR C 513 21.12 2.19 -18.50
CA THR C 513 22.48 2.45 -18.01
C THR C 513 22.42 3.60 -17.02
N VAL C 514 23.41 3.64 -16.14
CA VAL C 514 23.47 4.61 -15.06
C VAL C 514 24.58 5.62 -15.34
N ILE C 515 24.26 6.90 -15.23
CA ILE C 515 25.22 7.98 -15.39
C ILE C 515 25.36 8.71 -14.06
N GLU C 516 26.36 9.59 -13.99
CA GLU C 516 26.62 10.33 -12.75
C GLU C 516 26.99 11.75 -13.09
N VAL C 517 26.04 12.67 -12.91
CA VAL C 517 26.31 14.08 -12.70
C VAL C 517 25.60 14.43 -11.38
N ASN C 518 25.96 15.55 -10.77
CA ASN C 518 25.45 15.89 -9.44
C ASN C 518 24.39 16.98 -9.42
N ARG C 519 24.52 18.03 -10.22
CA ARG C 519 23.61 19.16 -10.09
C ARG C 519 22.54 19.23 -11.16
N GLU C 520 22.47 18.26 -12.07
CA GLU C 520 21.38 18.21 -13.03
C GLU C 520 20.15 17.50 -12.48
N GLU C 521 20.20 17.07 -11.21
CA GLU C 521 19.14 16.23 -10.66
C GLU C 521 17.95 17.05 -10.18
N ALA C 522 18.21 18.13 -9.43
CA ALA C 522 17.15 19.06 -9.08
C ALA C 522 16.64 19.80 -10.31
N ILE C 523 17.48 19.93 -11.33
CA ILE C 523 17.01 20.34 -12.66
C ILE C 523 16.04 19.30 -13.20
N GLY C 524 16.36 18.01 -13.02
CA GLY C 524 15.51 16.94 -13.51
C GLY C 524 14.21 16.78 -12.76
N PHE C 525 14.10 17.32 -11.55
CA PHE C 525 12.88 17.19 -10.77
C PHE C 525 12.07 18.47 -10.64
N ILE C 526 12.69 19.64 -10.83
CA ILE C 526 12.00 20.93 -10.65
C ILE C 526 11.96 21.58 -12.04
N ARG C 527 11.74 20.76 -13.06
CA ARG C 527 11.63 21.19 -14.46
C ARG C 527 10.66 22.34 -14.70
N HIS D 171 -47.32 -58.95 0.42
CA HIS D 171 -46.86 -58.02 1.44
C HIS D 171 -45.75 -57.12 0.90
N VAL D 172 -44.97 -57.68 -0.04
CA VAL D 172 -43.80 -56.96 -0.55
C VAL D 172 -44.14 -56.11 -1.76
N ARG D 173 -45.30 -56.33 -2.40
CA ARG D 173 -45.59 -55.66 -3.66
C ARG D 173 -46.02 -54.22 -3.45
N LYS D 174 -46.90 -53.97 -2.48
CA LYS D 174 -47.25 -52.59 -2.14
C LYS D 174 -46.11 -51.85 -1.46
N GLN D 175 -45.26 -52.58 -0.71
CA GLN D 175 -44.02 -52.01 -0.21
C GLN D 175 -43.11 -51.58 -1.35
N LEU D 176 -43.03 -52.41 -2.39
CA LEU D 176 -42.24 -52.13 -3.58
C LEU D 176 -42.78 -50.89 -4.28
N GLU D 177 -44.09 -50.79 -4.45
CA GLU D 177 -44.64 -49.66 -5.18
C GLU D 177 -44.58 -48.38 -4.37
N GLN D 178 -44.71 -48.46 -3.04
CA GLN D 178 -44.59 -47.26 -2.21
C GLN D 178 -43.16 -46.76 -2.18
N THR D 179 -42.17 -47.66 -2.09
CA THR D 179 -40.78 -47.26 -2.16
C THR D 179 -40.43 -46.72 -3.56
N GLU D 180 -40.98 -47.34 -4.60
CA GLU D 180 -40.80 -46.87 -5.97
C GLU D 180 -41.38 -45.48 -6.17
N GLN D 181 -42.56 -45.22 -5.61
CA GLN D 181 -43.22 -43.95 -5.86
C GLN D 181 -42.69 -42.83 -4.98
N GLU D 182 -42.25 -43.12 -3.76
CA GLU D 182 -41.59 -42.06 -3.00
C GLU D 182 -40.17 -41.84 -3.53
N PHE D 183 -39.55 -42.87 -4.12
CA PHE D 183 -38.33 -42.69 -4.88
C PHE D 183 -38.56 -41.79 -6.09
N GLU D 184 -39.71 -41.97 -6.76
CA GLU D 184 -40.06 -41.12 -7.89
C GLU D 184 -40.42 -39.72 -7.46
N ALA D 185 -40.99 -39.56 -6.27
CA ALA D 185 -41.26 -38.23 -5.75
C ALA D 185 -39.97 -37.51 -5.34
N SER D 186 -39.01 -38.26 -4.79
CA SER D 186 -37.68 -37.70 -4.54
C SER D 186 -36.99 -37.35 -5.85
N LYS D 187 -37.19 -38.15 -6.89
CA LYS D 187 -36.63 -37.85 -8.21
C LYS D 187 -37.31 -36.62 -8.82
N ALA D 188 -38.61 -36.45 -8.55
CA ALA D 188 -39.32 -35.27 -9.05
C ALA D 188 -38.89 -34.01 -8.34
N LYS D 189 -38.69 -34.06 -7.02
CA LYS D 189 -38.19 -32.87 -6.32
C LYS D 189 -36.71 -32.67 -6.61
N LEU D 190 -36.00 -33.75 -6.99
CA LEU D 190 -34.64 -33.61 -7.51
C LEU D 190 -34.65 -32.83 -8.81
N ARG D 191 -35.58 -33.15 -9.72
CA ARG D 191 -35.71 -32.40 -10.96
C ARG D 191 -36.13 -30.97 -10.69
N GLN D 192 -36.97 -30.77 -9.66
CA GLN D 192 -37.41 -29.43 -9.25
C GLN D 192 -36.22 -28.57 -8.81
N ALA D 193 -35.44 -29.08 -7.84
CA ALA D 193 -34.28 -28.35 -7.36
C ALA D 193 -33.18 -28.26 -8.41
N ARG D 194 -33.10 -29.24 -9.32
CA ARG D 194 -32.05 -29.24 -10.32
C ARG D 194 -32.32 -28.21 -11.40
N GLU D 195 -33.56 -28.14 -11.90
CA GLU D 195 -33.87 -27.10 -12.88
C GLU D 195 -33.92 -25.71 -12.23
N SER D 196 -34.26 -25.62 -10.94
CA SER D 196 -34.12 -24.35 -10.25
C SER D 196 -32.65 -23.96 -10.11
N PHE D 197 -31.77 -24.95 -9.92
CA PHE D 197 -30.34 -24.70 -9.86
C PHE D 197 -29.79 -24.27 -11.21
N GLN D 198 -30.25 -24.89 -12.29
CA GLN D 198 -29.82 -24.47 -13.62
C GLN D 198 -30.35 -23.08 -13.96
N ALA D 199 -31.53 -22.73 -13.44
CA ALA D 199 -32.07 -21.39 -13.66
C ALA D 199 -31.26 -20.32 -12.93
N VAL D 200 -30.96 -20.55 -11.65
CA VAL D 200 -30.18 -19.57 -10.90
C VAL D 200 -28.73 -19.56 -11.37
N LYS D 201 -28.24 -20.69 -11.90
CA LYS D 201 -26.90 -20.74 -12.46
C LYS D 201 -26.81 -19.99 -13.76
N GLN D 202 -27.84 -20.08 -14.61
CA GLN D 202 -27.87 -19.33 -15.85
C GLN D 202 -28.03 -17.84 -15.59
N LYS D 203 -28.80 -17.47 -14.55
CA LYS D 203 -28.94 -16.07 -14.18
C LYS D 203 -27.61 -15.50 -13.69
N ARG D 204 -26.92 -16.23 -12.81
CA ARG D 204 -25.60 -15.83 -12.33
C ARG D 204 -24.59 -15.76 -13.46
N LEU D 205 -24.68 -16.71 -14.40
CA LEU D 205 -23.76 -16.77 -15.53
C LEU D 205 -23.94 -15.59 -16.47
N GLU D 206 -25.18 -15.24 -16.80
CA GLU D 206 -25.40 -14.11 -17.70
C GLU D 206 -25.04 -12.79 -17.04
N LEU D 207 -25.39 -12.64 -15.75
CA LEU D 207 -25.07 -11.42 -15.02
C LEU D 207 -23.57 -11.23 -14.86
N PHE D 208 -22.82 -12.33 -14.76
CA PHE D 208 -21.36 -12.21 -14.72
C PHE D 208 -20.80 -11.94 -16.11
N ASN D 209 -21.37 -12.59 -17.13
CA ASN D 209 -20.76 -12.58 -18.46
C ASN D 209 -20.89 -11.23 -19.13
N LYS D 210 -22.00 -10.51 -18.90
CA LYS D 210 -22.14 -9.21 -19.54
C LYS D 210 -21.17 -8.19 -18.95
N ALA D 211 -20.92 -8.26 -17.63
CA ALA D 211 -19.95 -7.39 -17.00
C ALA D 211 -18.54 -7.74 -17.43
N PHE D 212 -18.26 -9.04 -17.59
CA PHE D 212 -16.96 -9.48 -18.07
C PHE D 212 -16.69 -8.98 -19.48
N THR D 213 -17.69 -9.06 -20.37
CA THR D 213 -17.51 -8.61 -21.74
C THR D 213 -17.33 -7.10 -21.81
N HIS D 214 -18.06 -6.36 -20.97
CA HIS D 214 -17.94 -4.90 -20.95
C HIS D 214 -16.56 -4.46 -20.49
N ILE D 215 -16.06 -5.03 -19.37
CA ILE D 215 -14.75 -4.59 -18.89
C ILE D 215 -13.64 -5.10 -19.80
N GLN D 216 -13.85 -6.23 -20.48
CA GLN D 216 -12.82 -6.74 -21.38
C GLN D 216 -12.73 -5.87 -22.63
N GLU D 217 -13.85 -5.28 -23.05
CA GLU D 217 -13.78 -4.39 -24.20
C GLU D 217 -13.29 -3.00 -23.82
N GLN D 218 -13.51 -2.56 -22.56
CA GLN D 218 -13.09 -1.21 -22.22
C GLN D 218 -11.69 -1.13 -21.62
N ILE D 219 -11.12 -2.25 -21.17
CA ILE D 219 -9.82 -2.21 -20.51
C ILE D 219 -8.72 -1.85 -21.51
N THR D 220 -8.89 -2.25 -22.77
CA THR D 220 -7.91 -1.94 -23.80
C THR D 220 -7.88 -0.44 -24.09
N HIS D 221 -9.05 0.17 -24.21
CA HIS D 221 -9.11 1.60 -24.50
C HIS D 221 -8.67 2.45 -23.32
N VAL D 222 -8.96 2.02 -22.08
CA VAL D 222 -8.51 2.84 -20.96
C VAL D 222 -7.00 2.67 -20.74
N TYR D 223 -6.44 1.51 -21.08
CA TYR D 223 -4.99 1.37 -20.97
C TYR D 223 -4.26 2.09 -22.08
N LYS D 224 -4.84 2.11 -23.29
CA LYS D 224 -4.27 2.92 -24.37
C LYS D 224 -4.34 4.40 -24.04
N GLU D 225 -5.37 4.82 -23.30
CA GLU D 225 -5.46 6.22 -22.93
C GLU D 225 -4.51 6.54 -21.78
N LEU D 226 -4.18 5.57 -20.96
CA LEU D 226 -3.27 5.82 -19.85
C LEU D 226 -1.80 5.62 -20.18
N THR D 227 -1.45 4.95 -21.28
CA THR D 227 -0.05 4.72 -21.58
C THR D 227 0.45 5.39 -22.85
N ARG D 228 -0.39 6.13 -23.56
CA ARG D 228 0.10 6.88 -24.70
C ARG D 228 0.69 8.22 -24.25
N SER D 229 1.62 8.74 -25.03
CA SER D 229 2.19 10.06 -24.78
C SER D 229 2.68 10.63 -26.10
N GLU D 230 3.44 11.73 -25.99
CA GLU D 230 4.01 12.36 -27.18
C GLU D 230 5.09 11.48 -27.79
N ALA D 231 5.89 10.81 -26.96
CA ALA D 231 6.96 9.96 -27.46
C ALA D 231 6.42 8.67 -28.05
N TYR D 232 5.28 8.19 -27.55
CA TYR D 232 4.67 6.94 -28.02
C TYR D 232 3.17 7.15 -28.06
N PRO D 233 2.60 7.42 -29.23
CA PRO D 233 1.19 7.84 -29.30
C PRO D 233 0.19 6.71 -29.23
N LEU D 234 0.61 5.47 -29.41
CA LEU D 234 -0.33 4.36 -29.47
C LEU D 234 -0.58 3.72 -28.10
N GLY D 235 0.38 3.79 -27.18
CA GLY D 235 0.20 3.28 -25.85
C GLY D 235 0.31 1.76 -25.78
N GLY D 236 0.15 1.26 -24.54
CA GLY D 236 0.25 -0.16 -24.28
C GLY D 236 -1.01 -0.90 -24.63
N GLN D 237 -1.09 -2.14 -24.15
CA GLN D 237 -2.30 -2.93 -24.34
C GLN D 237 -2.53 -3.84 -23.13
N ALA D 238 -3.80 -3.99 -22.76
CA ALA D 238 -4.16 -4.78 -21.59
C ALA D 238 -5.41 -5.58 -21.89
N TYR D 239 -5.47 -6.77 -21.32
CA TYR D 239 -6.65 -7.61 -21.43
C TYR D 239 -6.67 -8.60 -20.27
N LEU D 240 -7.87 -8.90 -19.80
CA LEU D 240 -8.08 -9.86 -18.73
C LEU D 240 -8.92 -11.03 -19.24
N ASP D 241 -8.56 -12.23 -18.82
CA ASP D 241 -9.16 -13.39 -19.47
C ASP D 241 -9.26 -14.57 -18.52
N ILE D 242 -10.20 -15.46 -18.81
CA ILE D 242 -10.46 -16.66 -18.02
C ILE D 242 -9.34 -17.66 -18.22
N GLU D 243 -8.93 -18.33 -17.13
CA GLU D 243 -7.94 -19.39 -17.24
C GLU D 243 -8.52 -20.60 -17.95
N GLU D 244 -9.63 -21.13 -17.43
CA GLU D 244 -10.23 -22.39 -17.89
C GLU D 244 -11.72 -22.14 -18.19
N ASP D 245 -12.01 -21.77 -19.44
CA ASP D 245 -13.38 -21.50 -19.85
C ASP D 245 -14.04 -22.81 -20.23
N THR D 246 -14.75 -23.43 -19.29
CA THR D 246 -15.47 -24.65 -19.63
C THR D 246 -16.98 -24.48 -19.49
N ASP D 247 -17.48 -24.18 -18.29
CA ASP D 247 -18.91 -24.01 -18.11
C ASP D 247 -19.22 -22.82 -17.21
N THR D 248 -18.30 -22.52 -16.29
CA THR D 248 -18.50 -21.49 -15.27
C THR D 248 -17.30 -20.56 -15.24
N PRO D 249 -17.38 -19.42 -15.93
CA PRO D 249 -16.32 -18.41 -15.79
C PRO D 249 -16.32 -17.73 -14.42
N PHE D 250 -17.44 -17.72 -13.71
CA PHE D 250 -17.49 -17.08 -12.40
C PHE D 250 -16.80 -17.89 -11.31
N LEU D 251 -16.49 -19.15 -11.56
CA LEU D 251 -15.75 -19.97 -10.61
C LEU D 251 -14.27 -20.09 -10.95
N SER D 252 -13.84 -19.56 -12.09
CA SER D 252 -12.45 -19.60 -12.50
C SER D 252 -11.80 -18.24 -12.31
N GLY D 253 -10.48 -18.23 -12.28
CA GLY D 253 -9.76 -16.99 -12.08
C GLY D 253 -9.63 -16.18 -13.36
N VAL D 254 -9.52 -14.86 -13.20
CA VAL D 254 -9.26 -13.95 -14.31
C VAL D 254 -7.85 -13.41 -14.19
N LYS D 255 -7.04 -13.62 -15.23
CA LYS D 255 -5.69 -13.10 -15.26
C LYS D 255 -5.68 -11.79 -16.03
N TYR D 256 -5.03 -10.79 -15.46
CA TYR D 256 -4.98 -9.44 -15.99
C TYR D 256 -3.59 -9.21 -16.58
N HIS D 257 -3.49 -9.19 -17.91
CA HIS D 257 -2.24 -8.95 -18.61
C HIS D 257 -2.18 -7.48 -19.00
N ALA D 258 -1.13 -6.79 -18.57
CA ALA D 258 -0.99 -5.38 -18.86
C ALA D 258 0.42 -5.11 -19.38
N MET D 259 0.54 -4.75 -20.66
CA MET D 259 1.82 -4.62 -21.33
C MET D 259 2.07 -3.18 -21.73
N PRO D 260 2.99 -2.49 -21.09
CA PRO D 260 3.28 -1.07 -21.41
C PRO D 260 4.02 -0.94 -22.74
N PRO D 261 4.29 0.28 -23.21
CA PRO D 261 5.08 0.44 -24.45
C PRO D 261 6.49 -0.18 -24.40
N CYS D 262 6.85 -0.83 -25.51
CA CYS D 262 8.06 -1.65 -25.70
C CYS D 262 8.26 -2.72 -24.64
N LYS D 263 7.22 -3.20 -23.99
CA LYS D 263 7.46 -4.13 -22.89
C LYS D 263 6.56 -5.34 -23.01
N ARG D 264 7.15 -6.50 -22.72
CA ARG D 264 6.48 -7.78 -22.85
C ARG D 264 7.18 -8.75 -21.90
N PHE D 265 6.40 -9.59 -21.24
CA PHE D 265 6.91 -10.49 -20.22
C PHE D 265 6.20 -11.82 -20.34
N ARG D 266 6.61 -12.75 -19.49
CA ARG D 266 5.79 -13.93 -19.23
C ARG D 266 5.13 -13.87 -17.86
N ASP D 267 5.76 -13.17 -16.91
CA ASP D 267 5.22 -12.95 -15.58
C ASP D 267 4.92 -11.47 -15.39
N MET D 268 3.75 -11.15 -14.85
CA MET D 268 3.30 -9.77 -14.78
C MET D 268 3.92 -9.01 -13.62
N GLU D 269 4.36 -9.69 -12.55
CA GLU D 269 4.86 -9.00 -11.37
C GLU D 269 6.29 -8.46 -11.57
N HIS D 270 6.90 -8.70 -12.73
CA HIS D 270 8.15 -8.04 -13.08
C HIS D 270 7.99 -6.56 -13.39
N LEU D 271 6.77 -6.03 -13.39
CA LEU D 271 6.52 -4.64 -13.71
C LEU D 271 6.96 -3.72 -12.58
N SER D 272 7.03 -2.44 -12.90
CA SER D 272 7.53 -1.41 -12.01
C SER D 272 6.51 -1.05 -10.93
N GLY D 273 6.82 -0.02 -10.15
CA GLY D 273 5.81 0.55 -9.27
C GLY D 273 4.83 1.41 -10.03
N GLY D 274 5.34 2.28 -10.91
CA GLY D 274 4.48 3.14 -11.69
C GLY D 274 3.67 2.39 -12.73
N GLU D 275 4.24 1.34 -13.31
CA GLU D 275 3.50 0.55 -14.29
C GLU D 275 2.40 -0.28 -13.64
N LYS D 276 2.66 -0.79 -12.43
CA LYS D 276 1.61 -1.47 -11.67
C LYS D 276 0.52 -0.50 -11.25
N THR D 277 0.89 0.73 -10.88
CA THR D 277 -0.11 1.72 -10.51
C THR D 277 -0.95 2.14 -11.72
N MET D 278 -0.32 2.20 -12.90
CA MET D 278 -1.05 2.53 -14.12
C MET D 278 -2.02 1.43 -14.50
N ALA D 279 -1.59 0.16 -14.40
CA ALA D 279 -2.47 -0.95 -14.71
C ALA D 279 -3.61 -1.06 -13.71
N ALA D 280 -3.33 -0.75 -12.44
CA ALA D 280 -4.36 -0.76 -11.41
C ALA D 280 -5.38 0.35 -11.63
N LEU D 281 -4.92 1.54 -12.01
CA LEU D 281 -5.85 2.64 -12.26
C LEU D 281 -6.67 2.40 -13.52
N ALA D 282 -6.07 1.76 -14.54
CA ALA D 282 -6.83 1.39 -15.72
C ALA D 282 -7.89 0.34 -15.40
N LEU D 283 -7.56 -0.61 -14.52
CA LEU D 283 -8.55 -1.60 -14.12
C LEU D 283 -9.68 -0.97 -13.31
N LEU D 284 -9.36 0.01 -12.47
CA LEU D 284 -10.42 0.66 -11.69
C LEU D 284 -11.31 1.53 -12.56
N PHE D 285 -10.73 2.21 -13.55
CA PHE D 285 -11.53 3.03 -14.45
C PHE D 285 -12.37 2.17 -15.39
N ALA D 286 -11.90 0.96 -15.72
CA ALA D 286 -12.69 0.09 -16.58
C ALA D 286 -13.77 -0.64 -15.79
N ILE D 287 -13.51 -0.92 -14.51
CA ILE D 287 -14.53 -1.49 -13.64
C ILE D 287 -15.63 -0.46 -13.36
N HIS D 288 -15.24 0.80 -13.14
CA HIS D 288 -16.18 1.85 -12.78
C HIS D 288 -17.20 2.16 -13.88
N SER D 289 -16.78 2.11 -15.14
CA SER D 289 -17.69 2.47 -16.22
C SER D 289 -18.58 1.32 -16.67
N TYR D 290 -18.72 0.26 -15.85
CA TYR D 290 -19.78 -0.70 -16.10
C TYR D 290 -21.13 -0.15 -15.63
N GLN D 291 -21.23 0.22 -14.36
CA GLN D 291 -22.38 0.93 -13.82
C GLN D 291 -21.88 2.31 -13.44
N PRO D 292 -21.96 3.28 -14.36
CA PRO D 292 -21.33 4.58 -14.12
C PRO D 292 -22.06 5.39 -13.07
N SER D 293 -21.41 5.58 -11.94
CA SER D 293 -21.90 6.43 -10.87
C SER D 293 -21.80 7.90 -11.30
N PRO D 294 -22.66 8.76 -10.75
CA PRO D 294 -22.57 10.19 -11.09
C PRO D 294 -21.32 10.88 -10.57
N PHE D 295 -20.58 10.27 -9.64
CA PHE D 295 -19.31 10.81 -9.20
C PHE D 295 -18.30 9.68 -9.03
N PHE D 296 -17.05 10.07 -8.87
CA PHE D 296 -15.94 9.12 -8.72
C PHE D 296 -14.91 9.76 -7.80
N VAL D 297 -14.58 9.08 -6.71
CA VAL D 297 -13.72 9.65 -5.67
C VAL D 297 -12.44 8.83 -5.59
N LEU D 298 -11.30 9.51 -5.54
CA LEU D 298 -9.98 8.89 -5.61
C LEU D 298 -9.12 9.37 -4.44
N ASP D 299 -8.47 8.43 -3.75
CA ASP D 299 -7.48 8.78 -2.75
C ASP D 299 -6.13 9.11 -3.41
N GLU D 300 -5.09 9.18 -2.56
CA GLU D 300 -3.73 9.46 -3.02
C GLU D 300 -3.14 8.25 -3.74
N VAL D 301 -3.62 8.04 -4.97
CA VAL D 301 -3.09 6.98 -5.81
C VAL D 301 -1.91 7.48 -6.63
N ASP D 302 -1.63 8.79 -6.61
CA ASP D 302 -0.63 9.43 -7.43
C ASP D 302 0.76 9.43 -6.81
N CYS D 303 0.90 9.00 -5.55
CA CYS D 303 2.10 9.27 -4.78
C CYS D 303 3.09 8.13 -4.85
N ALA D 304 2.92 7.25 -5.82
CA ALA D 304 3.91 6.25 -6.18
C ALA D 304 4.28 6.38 -7.65
N LEU D 305 4.27 7.62 -8.15
CA LEU D 305 4.41 7.88 -9.57
C LEU D 305 5.37 9.04 -9.80
N ASP D 306 6.00 9.03 -10.98
CA ASP D 306 6.83 10.14 -11.42
C ASP D 306 5.97 11.22 -12.06
N ASN D 307 6.63 12.27 -12.57
CA ASN D 307 5.90 13.42 -13.09
C ASN D 307 5.20 13.11 -14.41
N ALA D 308 5.76 12.20 -15.21
CA ALA D 308 5.14 11.86 -16.48
C ALA D 308 3.84 11.09 -16.28
N ASN D 309 3.83 10.16 -15.32
CA ASN D 309 2.62 9.39 -15.07
C ASN D 309 1.55 10.23 -14.37
N VAL D 310 1.97 11.18 -13.53
CA VAL D 310 1.02 12.11 -12.93
C VAL D 310 0.42 13.02 -14.00
N GLU D 311 1.23 13.42 -14.99
CA GLU D 311 0.70 14.23 -16.08
C GLU D 311 -0.25 13.43 -16.96
N LYS D 312 0.01 12.13 -17.14
CA LYS D 312 -0.93 11.31 -17.90
C LYS D 312 -2.23 11.08 -17.14
N ILE D 313 -2.16 10.97 -15.81
CA ILE D 313 -3.36 10.91 -14.98
C ILE D 313 -4.18 12.19 -15.11
N LYS D 314 -3.50 13.33 -15.08
CA LYS D 314 -4.18 14.62 -15.21
C LYS D 314 -4.80 14.78 -16.59
N LYS D 315 -4.12 14.29 -17.63
CA LYS D 315 -4.65 14.41 -18.98
C LYS D 315 -5.79 13.42 -19.22
N TYR D 316 -5.81 12.31 -18.49
CA TYR D 316 -6.96 11.42 -18.58
C TYR D 316 -8.15 11.98 -17.83
N ILE D 317 -7.91 12.57 -16.66
CA ILE D 317 -9.02 13.01 -15.81
C ILE D 317 -9.64 14.28 -16.37
N ARG D 318 -8.81 15.21 -16.85
CA ARG D 318 -9.30 16.45 -17.44
C ARG D 318 -10.09 16.19 -18.73
N GLU D 319 -9.77 15.13 -19.45
CA GLU D 319 -10.50 14.76 -20.65
C GLU D 319 -11.77 13.97 -20.36
N HIS D 320 -11.92 13.43 -19.15
CA HIS D 320 -13.10 12.64 -18.82
C HIS D 320 -14.03 13.28 -17.79
N ALA D 321 -13.57 14.24 -16.99
CA ALA D 321 -14.42 14.86 -15.99
C ALA D 321 -15.41 15.78 -16.66
N GLY D 322 -16.69 15.54 -16.43
CA GLY D 322 -17.75 16.32 -17.02
C GLY D 322 -19.10 15.93 -16.48
N PRO D 323 -20.17 16.33 -17.17
CA PRO D 323 -21.52 15.94 -16.75
C PRO D 323 -21.74 14.44 -16.88
N GLY D 324 -22.09 13.82 -15.76
CA GLY D 324 -22.26 12.39 -15.67
C GLY D 324 -21.09 11.66 -15.05
N MET D 325 -19.95 12.33 -14.89
CA MET D 325 -18.76 11.69 -14.30
C MET D 325 -17.97 12.78 -13.59
N GLN D 326 -18.22 12.93 -12.29
CA GLN D 326 -17.51 13.91 -11.50
C GLN D 326 -16.33 13.28 -10.80
N PHE D 327 -15.21 14.00 -10.76
CA PHE D 327 -13.97 13.51 -10.16
C PHE D 327 -13.63 14.31 -8.92
N ILE D 328 -13.50 13.62 -7.79
CA ILE D 328 -13.05 14.21 -6.54
C ILE D 328 -11.81 13.47 -6.09
N VAL D 329 -10.64 14.09 -6.21
CA VAL D 329 -9.38 13.42 -5.92
C VAL D 329 -8.78 13.96 -4.64
N ILE D 330 -8.24 13.07 -3.82
CA ILE D 330 -7.40 13.45 -2.70
C ILE D 330 -5.95 13.33 -3.15
N SER D 331 -5.25 14.46 -3.23
CA SER D 331 -3.95 14.49 -3.89
C SER D 331 -3.00 15.43 -3.17
N LEU D 332 -1.72 15.09 -3.18
CA LEU D 332 -0.67 15.93 -2.63
C LEU D 332 0.27 16.48 -3.70
N LYS D 333 0.26 15.89 -4.90
CA LYS D 333 1.19 16.28 -5.95
C LYS D 333 0.66 17.49 -6.69
N PRO D 334 1.39 18.61 -6.72
CA PRO D 334 0.85 19.83 -7.35
C PRO D 334 0.67 19.74 -8.85
N ALA D 335 1.36 18.80 -9.51
CA ALA D 335 1.14 18.58 -10.93
C ALA D 335 -0.23 18.00 -11.21
N LEU D 336 -0.85 17.37 -10.21
CA LEU D 336 -2.20 16.84 -10.38
C LEU D 336 -3.27 17.84 -9.95
N PHE D 337 -3.13 18.43 -8.76
CA PHE D 337 -4.20 19.31 -8.32
C PHE D 337 -4.05 20.73 -8.84
N GLN D 338 -3.01 21.04 -9.61
CA GLN D 338 -2.92 22.38 -10.18
C GLN D 338 -3.93 22.59 -11.30
N ALA D 339 -4.50 21.53 -11.86
CA ALA D 339 -5.38 21.63 -13.02
C ALA D 339 -6.82 21.34 -12.69
N SER D 340 -7.19 21.35 -11.42
CA SER D 340 -8.58 21.09 -11.05
C SER D 340 -9.45 22.30 -11.35
N GLU D 341 -10.77 22.07 -11.34
CA GLU D 341 -11.67 23.19 -11.58
C GLU D 341 -11.89 24.00 -10.30
N SER D 342 -11.78 23.36 -9.14
CA SER D 342 -11.80 24.07 -7.87
C SER D 342 -11.01 23.27 -6.86
N LEU D 343 -10.47 23.97 -5.87
CA LEU D 343 -9.67 23.38 -4.81
C LEU D 343 -10.45 23.40 -3.51
N ILE D 344 -10.40 22.30 -2.78
CA ILE D 344 -10.85 22.26 -1.39
C ILE D 344 -9.63 21.99 -0.54
N GLY D 345 -9.17 23.01 0.17
CA GLY D 345 -7.99 22.90 1.00
C GLY D 345 -8.37 22.72 2.46
N VAL D 346 -7.95 21.60 3.03
CA VAL D 346 -8.31 21.22 4.39
C VAL D 346 -7.08 21.36 5.27
N TYR D 347 -7.15 22.27 6.24
CA TYR D 347 -6.04 22.47 7.17
C TYR D 347 -6.50 22.18 8.59
N ARG D 348 -5.61 21.61 9.38
CA ARG D 348 -5.94 21.24 10.76
C ARG D 348 -5.61 22.39 11.69
N ASP D 349 -6.64 23.05 12.21
CA ASP D 349 -6.47 24.07 13.24
C ASP D 349 -6.15 23.34 14.53
N GLN D 350 -4.90 23.49 15.00
CA GLN D 350 -4.41 22.64 16.07
C GLN D 350 -4.72 23.18 17.46
N GLU D 351 -4.87 24.50 17.61
CA GLU D 351 -5.17 25.03 18.93
C GLU D 351 -6.61 24.76 19.33
N ALA D 352 -7.50 24.58 18.36
CA ALA D 352 -8.87 24.17 18.62
C ALA D 352 -9.09 22.69 18.37
N ASN D 353 -8.09 22.01 17.80
CA ASN D 353 -8.09 20.57 17.51
C ASN D 353 -9.26 20.20 16.60
N THR D 354 -9.32 20.87 15.45
CA THR D 354 -10.38 20.61 14.48
C THR D 354 -9.78 20.65 13.09
N SER D 355 -10.52 20.12 12.13
CA SER D 355 -10.19 20.34 10.74
C SER D 355 -11.07 21.44 10.18
N ARG D 356 -10.51 22.21 9.26
CA ARG D 356 -11.24 23.30 8.64
C ARG D 356 -11.04 23.22 7.13
N THR D 357 -12.01 23.76 6.40
CA THR D 357 -11.98 23.72 4.95
C THR D 357 -11.97 25.14 4.40
N LEU D 358 -11.28 25.31 3.27
CA LEU D 358 -11.37 26.49 2.43
C LEU D 358 -11.58 26.02 1.00
N THR D 359 -12.12 26.89 0.17
CA THR D 359 -12.31 26.52 -1.22
C THR D 359 -11.84 27.66 -2.12
N LEU D 360 -11.43 27.28 -3.32
CA LEU D 360 -10.83 28.23 -4.26
C LEU D 360 -11.28 27.87 -5.67
N ASP D 361 -11.64 28.88 -6.46
CA ASP D 361 -12.08 28.67 -7.83
C ASP D 361 -10.88 28.84 -8.77
N LEU D 362 -10.48 27.75 -9.43
CA LEU D 362 -9.36 27.83 -10.36
C LEU D 362 -9.77 28.22 -11.77
N ARG D 363 -11.03 28.59 -11.99
CA ARG D 363 -11.39 29.17 -13.29
C ARG D 363 -11.09 30.66 -13.37
N LYS D 364 -10.70 31.28 -12.26
CA LYS D 364 -10.31 32.69 -12.28
C LYS D 364 -8.92 32.91 -12.85
N TYR D 365 -8.14 31.85 -13.03
CA TYR D 365 -6.73 31.96 -13.38
C TYR D 365 -6.47 31.27 -14.72
N ARG D 366 -5.37 31.68 -15.35
CA ARG D 366 -5.04 31.27 -16.71
C ARG D 366 -4.16 30.02 -16.70
N HIS D 367 -3.98 29.46 -17.90
CA HIS D 367 -3.11 28.31 -18.10
C HIS D 367 -1.64 28.74 -18.20
N HIS D 368 -0.78 27.83 -18.66
CA HIS D 368 0.67 28.02 -18.79
C HIS D 368 1.33 28.38 -17.46
MG MG E . -4.92 9.97 3.73
PG AGS F . -3.00 11.87 4.48
S1G AGS F . -2.46 10.32 3.44
O2G AGS F . -2.87 13.15 3.62
O3G AGS F . -2.08 12.03 5.72
PB AGS F . -5.06 12.92 5.78
O1B AGS F . -4.03 13.96 5.91
O2B AGS F . -6.34 13.35 5.06
O3B AGS F . -4.47 11.71 4.97
PA AGS F . -6.94 12.86 7.76
O1A AGS F . -7.89 11.77 7.46
O2A AGS F . -7.25 14.28 7.25
O3A AGS F . -5.52 12.45 7.20
O5' AGS F . -6.76 12.86 9.32
C5' AGS F . -6.83 11.64 10.07
C4' AGS F . -6.50 11.94 11.51
O4' AGS F . -7.68 12.43 12.18
C3' AGS F . -6.06 10.74 12.33
O3' AGS F . -4.66 10.51 12.18
C2' AGS F . -6.39 11.19 13.75
O2' AGS F . -5.34 11.95 14.33
C1' AGS F . -7.64 12.05 13.54
N9 AGS F . -8.89 11.40 13.88
C8 AGS F . -9.41 10.25 13.34
N7 AGS F . -10.56 9.88 13.85
C5 AGS F . -10.82 10.87 14.79
C6 AGS F . -11.90 11.06 15.69
N6 AGS F . -12.94 10.24 15.77
N1 AGS F . -11.85 12.14 16.50
C2 AGS F . -10.80 12.97 16.42
N3 AGS F . -9.73 12.88 15.62
C4 AGS F . -9.81 11.80 14.82
MG MG G . 10.59 0.32 -7.48
PG AGS H . 9.30 2.28 -9.24
S1G AGS H . 7.72 1.15 -9.43
O2G AGS H . 9.34 3.34 -10.38
O3G AGS H . 9.26 3.04 -7.88
PB AGS H . 11.19 1.11 -10.71
O1B AGS H . 10.45 1.86 -11.73
O2B AGS H . 12.70 1.35 -10.71
O3B AGS H . 10.60 1.43 -9.30
PA AGS H . 11.99 -0.96 -12.11
O1A AGS H . 13.19 -1.55 -11.51
O2A AGS H . 12.23 0.23 -13.02
O3A AGS H . 11.05 -0.42 -10.99
O5' AGS H . 11.19 -2.11 -12.81
C5' AGS H . 11.89 -3.24 -13.35
C4' AGS H . 12.02 -3.03 -14.84
O4' AGS H . 12.85 -4.07 -15.39
C3' AGS H . 10.71 -3.07 -15.61
O3' AGS H . 10.72 -2.12 -16.66
C2' AGS H . 10.67 -4.50 -16.15
O2' AGS H . 9.93 -4.60 -17.35
C1' AGS H . 12.15 -4.75 -16.41
N9 AGS H . 12.54 -6.15 -16.39
C8 AGS H . 12.55 -6.99 -15.30
N7 AGS H . 12.95 -8.21 -15.57
C5 AGS H . 13.22 -8.17 -16.94
C6 AGS H . 13.69 -9.14 -17.84
N6 AGS H . 13.97 -10.40 -17.49
N1 AGS H . 13.84 -8.78 -19.14
C2 AGS H . 13.56 -7.52 -19.49
N3 AGS H . 13.12 -6.52 -18.72
C4 AGS H . 12.97 -6.91 -17.45
#